data_7LX4
#
_entry.id   7LX4
#
_entity_poly.entity_id   1
_entity_poly.type   'polypeptide(L)'
_entity_poly.pdbx_seq_one_letter_code
;(PCA)SEFCGHDVGECVPPKLVCRPPTHECLHFPCPGYLKCCCYP
;
_entity_poly.pdbx_strand_id   A
#
# COMPACT_ATOMS: atom_id res chain seq x y z
N PCA A 1 -1.22 -16.10 6.69
CA PCA A 1 -2.61 -16.35 7.04
CB PCA A 1 -2.46 -16.86 8.49
CG PCA A 1 -1.16 -17.70 8.34
CD PCA A 1 -0.38 -16.81 7.36
OE PCA A 1 0.83 -16.80 7.27
C PCA A 1 -3.37 -15.06 6.79
O PCA A 1 -4.30 -14.96 6.00
H PCA A 1 -0.99 -15.45 6.01
HA PCA A 1 -3.05 -17.11 6.44
HB2 PCA A 1 -2.31 -16.06 9.19
HB3 PCA A 1 -3.29 -17.47 8.78
HG2 PCA A 1 -0.63 -17.80 9.27
HG3 PCA A 1 -1.35 -18.66 7.88
N SER A 2 -2.91 -14.04 7.50
CA SER A 2 -3.50 -12.71 7.41
C SER A 2 -2.42 -11.63 7.49
N GLU A 3 -2.70 -10.49 6.87
CA GLU A 3 -1.76 -9.37 6.87
C GLU A 3 -2.50 -8.03 6.85
N PHE A 4 -1.82 -6.99 7.29
CA PHE A 4 -2.41 -5.65 7.33
C PHE A 4 -1.44 -4.61 6.77
N CYS A 5 -1.97 -3.66 6.02
CA CYS A 5 -1.15 -2.61 5.42
C CYS A 5 -0.80 -1.54 6.45
N GLY A 6 0.46 -1.52 6.87
CA GLY A 6 0.90 -0.55 7.86
C GLY A 6 2.23 0.09 7.48
N HIS A 7 3.32 -0.60 7.80
CA HIS A 7 4.65 -0.09 7.51
C HIS A 7 5.52 -1.19 6.89
N ASP A 8 5.97 -2.12 7.71
CA ASP A 8 6.80 -3.23 7.25
C ASP A 8 6.07 -4.06 6.20
N VAL A 9 4.81 -4.38 6.49
CA VAL A 9 4.00 -5.19 5.58
C VAL A 9 3.70 -4.41 4.30
N GLY A 10 3.44 -3.12 4.44
CA GLY A 10 3.14 -2.29 3.30
C GLY A 10 3.11 -0.81 3.63
N GLU A 11 2.95 0.02 2.61
CA GLU A 11 2.91 1.47 2.81
C GLU A 11 1.73 2.09 2.08
N CYS A 12 1.29 3.25 2.55
CA CYS A 12 0.16 3.95 1.94
C CYS A 12 0.63 5.19 1.19
N VAL A 13 0.29 5.28 -0.09
CA VAL A 13 0.67 6.41 -0.91
C VAL A 13 -0.49 6.88 -1.78
N PRO A 14 -0.44 8.15 -2.21
CA PRO A 14 -1.48 8.75 -3.05
C PRO A 14 -1.49 8.16 -4.47
N PRO A 15 -2.62 8.34 -5.17
CA PRO A 15 -2.78 7.83 -6.53
C PRO A 15 -1.92 8.59 -7.53
N LYS A 16 -1.76 9.89 -7.31
CA LYS A 16 -0.96 10.73 -8.19
C LYS A 16 0.48 10.22 -8.27
N LEU A 17 0.95 9.64 -7.18
CA LEU A 17 2.32 9.11 -7.13
C LEU A 17 2.32 7.59 -7.26
N VAL A 18 2.91 7.09 -8.34
CA VAL A 18 2.98 5.65 -8.58
C VAL A 18 4.13 5.03 -7.81
N CYS A 19 3.95 3.77 -7.42
CA CYS A 19 4.97 3.04 -6.68
C CYS A 19 6.24 2.89 -7.51
N ARG A 20 7.30 3.59 -7.11
CA ARG A 20 8.57 3.54 -7.82
C ARG A 20 9.08 2.11 -7.91
N PRO A 21 9.31 1.48 -6.74
CA PRO A 21 9.79 0.10 -6.67
C PRO A 21 8.74 -0.91 -7.12
N PRO A 22 9.20 -2.14 -7.42
CA PRO A 22 8.31 -3.22 -7.87
C PRO A 22 7.40 -3.72 -6.75
N THR A 23 6.48 -2.87 -6.32
CA THR A 23 5.54 -3.23 -5.26
C THR A 23 4.20 -3.69 -5.84
N HIS A 24 3.54 -4.58 -5.12
CA HIS A 24 2.25 -5.10 -5.55
C HIS A 24 1.10 -4.29 -4.96
N GLU A 25 0.31 -3.68 -5.83
CA GLU A 25 -0.83 -2.86 -5.39
C GLU A 25 -1.80 -3.69 -4.58
N CYS A 26 -1.75 -3.54 -3.25
CA CYS A 26 -2.64 -4.28 -2.37
C CYS A 26 -3.30 -3.34 -1.36
N LEU A 27 -4.56 -3.62 -1.05
CA LEU A 27 -5.31 -2.80 -0.10
C LEU A 27 -5.83 -3.65 1.06
N HIS A 28 -5.26 -3.43 2.24
CA HIS A 28 -5.66 -4.18 3.43
C HIS A 28 -6.17 -3.23 4.51
N PHE A 29 -5.50 -2.09 4.65
CA PHE A 29 -5.89 -1.09 5.64
C PHE A 29 -6.64 0.07 5.00
N PRO A 30 -7.75 0.47 5.62
CA PRO A 30 -8.59 1.57 5.13
C PRO A 30 -7.90 2.92 5.28
N CYS A 31 -7.26 3.38 4.22
CA CYS A 31 -6.56 4.66 4.23
C CYS A 31 -7.52 5.80 3.91
N PRO A 32 -7.13 7.03 4.28
CA PRO A 32 -7.94 8.22 4.03
C PRO A 32 -8.00 8.60 2.56
N GLY A 33 -9.17 9.05 2.12
CA GLY A 33 -9.34 9.43 0.73
C GLY A 33 -9.03 8.30 -0.23
N TYR A 34 -8.93 8.61 -1.51
CA TYR A 34 -8.64 7.61 -2.52
C TYR A 34 -7.15 7.27 -2.55
N LEU A 35 -6.63 6.81 -1.42
CA LEU A 35 -5.22 6.45 -1.31
C LEU A 35 -4.99 5.01 -1.75
N LYS A 36 -3.76 4.71 -2.14
CA LYS A 36 -3.40 3.37 -2.60
C LYS A 36 -2.25 2.81 -1.77
N CYS A 37 -2.38 1.56 -1.34
CA CYS A 37 -1.35 0.91 -0.55
C CYS A 37 -0.57 -0.10 -1.40
N CYS A 38 0.75 -0.15 -1.17
CA CYS A 38 1.61 -1.06 -1.91
C CYS A 38 2.16 -2.15 -1.00
N CYS A 39 2.31 -3.35 -1.54
CA CYS A 39 2.83 -4.48 -0.77
C CYS A 39 4.31 -4.70 -1.06
N TYR A 40 5.13 -4.63 -0.02
CA TYR A 40 6.56 -4.82 -0.15
C TYR A 40 6.89 -6.27 -0.49
N PRO A 41 8.08 -6.48 -1.07
CA PRO A 41 8.54 -7.82 -1.45
C PRO A 41 8.86 -8.71 -0.24
N PCA A 1 -2.09 -16.44 4.85
CA PCA A 1 -1.53 -15.22 4.28
CB PCA A 1 -1.51 -15.59 2.79
CG PCA A 1 -1.09 -17.08 2.89
CD PCA A 1 -1.86 -17.50 4.14
OE PCA A 1 -2.23 -18.63 4.38
C PCA A 1 -2.43 -14.08 4.74
O PCA A 1 -3.43 -13.71 4.14
H PCA A 1 -2.56 -16.41 5.70
HA PCA A 1 -0.55 -15.02 4.61
HB2 PCA A 1 -2.48 -15.50 2.32
HB3 PCA A 1 -0.78 -15.01 2.24
HG2 PCA A 1 -1.41 -17.66 2.04
HG3 PCA A 1 -0.03 -17.20 3.06
N SER A 2 -2.01 -13.51 5.86
CA SER A 2 -2.73 -12.41 6.47
C SER A 2 -1.80 -11.22 6.70
N GLU A 3 -1.68 -10.36 5.69
CA GLU A 3 -0.83 -9.19 5.78
C GLU A 3 -1.66 -7.93 6.02
N PHE A 4 -1.00 -6.87 6.47
CA PHE A 4 -1.67 -5.60 6.74
C PHE A 4 -0.89 -4.43 6.17
N CYS A 5 -1.61 -3.41 5.71
CA CYS A 5 -1.00 -2.24 5.13
C CYS A 5 -0.67 -1.20 6.20
N GLY A 6 0.62 -1.06 6.52
CA GLY A 6 1.03 -0.10 7.53
C GLY A 6 2.28 0.67 7.11
N HIS A 7 3.44 0.11 7.39
CA HIS A 7 4.71 0.75 7.05
C HIS A 7 5.69 -0.26 6.45
N ASP A 8 5.88 -1.37 7.14
CA ASP A 8 6.80 -2.42 6.68
C ASP A 8 6.11 -3.32 5.67
N VAL A 9 5.08 -4.03 6.11
CA VAL A 9 4.34 -4.94 5.24
C VAL A 9 3.71 -4.18 4.08
N GLY A 10 3.27 -2.96 4.34
CA GLY A 10 2.64 -2.16 3.31
C GLY A 10 2.77 -0.67 3.58
N GLU A 11 2.35 0.15 2.61
CA GLU A 11 2.42 1.60 2.76
C GLU A 11 1.25 2.27 2.04
N CYS A 12 0.84 3.42 2.55
CA CYS A 12 -0.27 4.17 1.95
C CYS A 12 0.24 5.32 1.09
N VAL A 13 0.08 5.18 -0.22
CA VAL A 13 0.53 6.20 -1.15
C VAL A 13 -0.59 6.60 -2.10
N PRO A 14 -0.49 7.83 -2.64
CA PRO A 14 -1.49 8.36 -3.58
C PRO A 14 -1.47 7.65 -4.93
N PRO A 15 -2.61 7.68 -5.63
CA PRO A 15 -2.75 7.04 -6.94
C PRO A 15 -1.95 7.77 -8.02
N LYS A 16 -1.86 9.09 -7.90
CA LYS A 16 -1.13 9.90 -8.87
C LYS A 16 0.33 9.48 -8.93
N LEU A 17 0.86 9.02 -7.81
CA LEU A 17 2.25 8.58 -7.74
C LEU A 17 2.32 7.06 -7.60
N VAL A 18 2.79 6.40 -8.66
CA VAL A 18 2.92 4.95 -8.65
C VAL A 18 4.00 4.49 -7.67
N CYS A 19 3.82 3.31 -7.10
CA CYS A 19 4.78 2.77 -6.14
C CYS A 19 6.15 2.62 -6.78
N ARG A 20 7.09 3.47 -6.33
CA ARG A 20 8.46 3.44 -6.86
C ARG A 20 9.03 2.03 -6.79
N PRO A 21 9.12 1.48 -5.58
CA PRO A 21 9.65 0.13 -5.34
C PRO A 21 8.73 -0.96 -5.88
N PRO A 22 9.26 -2.18 -5.97
CA PRO A 22 8.49 -3.34 -6.47
C PRO A 22 7.40 -3.77 -5.49
N THR A 23 6.41 -2.92 -5.31
CA THR A 23 5.31 -3.21 -4.40
C THR A 23 4.01 -3.48 -5.17
N HIS A 24 3.31 -4.53 -4.77
CA HIS A 24 2.05 -4.90 -5.43
C HIS A 24 0.88 -4.16 -4.80
N GLU A 25 0.13 -3.43 -5.62
CA GLU A 25 -1.03 -2.68 -5.15
C GLU A 25 -2.04 -3.60 -4.48
N CYS A 26 -2.05 -3.60 -3.16
CA CYS A 26 -2.97 -4.44 -2.40
C CYS A 26 -3.77 -3.60 -1.41
N LEU A 27 -5.02 -4.00 -1.17
CA LEU A 27 -5.89 -3.29 -0.25
C LEU A 27 -6.06 -4.07 1.05
N HIS A 28 -5.36 -3.64 2.10
CA HIS A 28 -5.43 -4.28 3.39
C HIS A 28 -6.18 -3.41 4.40
N PHE A 29 -5.55 -2.33 4.82
CA PHE A 29 -6.15 -1.42 5.78
C PHE A 29 -6.70 -0.17 5.08
N PRO A 30 -7.67 0.49 5.73
CA PRO A 30 -8.28 1.71 5.19
C PRO A 30 -7.33 2.90 5.19
N CYS A 31 -6.86 3.27 4.00
CA CYS A 31 -5.95 4.39 3.87
C CYS A 31 -6.68 5.72 3.97
N PRO A 32 -5.95 6.79 4.33
CA PRO A 32 -6.52 8.13 4.47
C PRO A 32 -6.93 8.73 3.13
N GLY A 33 -8.22 9.01 2.98
CA GLY A 33 -8.72 9.59 1.75
C GLY A 33 -8.47 8.69 0.55
N TYR A 34 -8.45 9.29 -0.63
CA TYR A 34 -8.22 8.54 -1.86
C TYR A 34 -6.76 8.12 -1.99
N LEU A 35 -6.39 7.08 -1.23
CA LEU A 35 -5.03 6.57 -1.25
C LEU A 35 -5.01 5.08 -1.53
N LYS A 36 -3.97 4.63 -2.23
CA LYS A 36 -3.83 3.21 -2.55
C LYS A 36 -2.77 2.56 -1.69
N CYS A 37 -3.09 1.37 -1.17
CA CYS A 37 -2.15 0.63 -0.33
C CYS A 37 -1.25 -0.27 -1.16
N CYS A 38 0.03 -0.31 -0.80
CA CYS A 38 0.99 -1.14 -1.53
C CYS A 38 1.52 -2.25 -0.63
N CYS A 39 1.78 -3.41 -1.23
CA CYS A 39 2.29 -4.56 -0.49
C CYS A 39 3.78 -4.75 -0.75
N TYR A 40 4.56 -4.78 0.33
CA TYR A 40 6.01 -4.95 0.21
C TYR A 40 6.37 -6.43 0.15
N PRO A 41 7.58 -6.72 -0.38
CA PRO A 41 8.07 -8.08 -0.52
C PRO A 41 8.41 -8.72 0.83
N PCA A 1 -3.23 -16.75 7.73
CA PCA A 1 -2.09 -16.02 7.20
CB PCA A 1 -1.27 -17.15 6.57
CG PCA A 1 -1.50 -18.25 7.63
CD PCA A 1 -2.96 -17.99 7.99
OE PCA A 1 -3.73 -18.82 8.42
C PCA A 1 -2.65 -14.92 6.30
O PCA A 1 -2.83 -15.07 5.09
H PCA A 1 -4.08 -16.32 7.85
HA PCA A 1 -1.52 -15.54 7.96
HB2 PCA A 1 -1.64 -17.46 5.61
HB3 PCA A 1 -0.23 -16.89 6.49
HG2 PCA A 1 -1.39 -19.25 7.22
HG3 PCA A 1 -0.88 -18.13 8.50
N SER A 2 -2.93 -13.79 6.94
CA SER A 2 -3.48 -12.63 6.26
C SER A 2 -2.52 -11.45 6.34
N GLU A 3 -2.38 -10.74 5.23
CA GLU A 3 -1.49 -9.58 5.17
C GLU A 3 -2.23 -8.31 5.58
N PHE A 4 -1.51 -7.38 6.18
CA PHE A 4 -2.09 -6.12 6.64
C PHE A 4 -1.24 -4.94 6.18
N CYS A 5 -1.90 -3.80 5.96
CA CYS A 5 -1.21 -2.58 5.53
C CYS A 5 -0.86 -1.69 6.71
N GLY A 6 0.39 -1.24 6.76
CA GLY A 6 0.83 -0.38 7.84
C GLY A 6 2.03 0.47 7.46
N HIS A 7 3.21 0.01 7.86
CA HIS A 7 4.44 0.73 7.56
C HIS A 7 5.50 -0.21 6.97
N ASP A 8 5.58 -1.41 7.52
CA ASP A 8 6.54 -2.41 7.05
C ASP A 8 5.94 -3.25 5.93
N VAL A 9 4.87 -3.98 6.25
CA VAL A 9 4.21 -4.83 5.28
C VAL A 9 3.79 -4.02 4.04
N GLY A 10 3.17 -2.87 4.27
CA GLY A 10 2.74 -2.04 3.18
C GLY A 10 2.78 -0.56 3.53
N GLU A 11 2.55 0.29 2.52
CA GLU A 11 2.56 1.73 2.72
C GLU A 11 1.42 2.39 1.97
N CYS A 12 0.97 3.53 2.49
CA CYS A 12 -0.12 4.28 1.86
C CYS A 12 0.42 5.38 0.95
N VAL A 13 0.20 5.21 -0.35
CA VAL A 13 0.66 6.18 -1.33
C VAL A 13 -0.48 6.61 -2.26
N PRO A 14 -0.33 7.80 -2.87
CA PRO A 14 -1.33 8.35 -3.78
C PRO A 14 -1.39 7.57 -5.10
N PRO A 15 -2.59 7.50 -5.69
CA PRO A 15 -2.81 6.79 -6.96
C PRO A 15 -2.16 7.52 -8.14
N LYS A 16 -2.13 8.84 -8.08
CA LYS A 16 -1.54 9.64 -9.14
C LYS A 16 -0.07 9.29 -9.34
N LEU A 17 0.59 8.91 -8.26
CA LEU A 17 1.99 8.54 -8.31
C LEU A 17 2.17 7.03 -8.13
N VAL A 18 2.72 6.39 -9.16
CA VAL A 18 2.95 4.94 -9.11
C VAL A 18 4.02 4.58 -8.08
N CYS A 19 3.89 3.41 -7.49
CA CYS A 19 4.84 2.94 -6.49
C CYS A 19 6.25 2.88 -7.07
N ARG A 20 7.12 3.78 -6.62
CA ARG A 20 8.50 3.82 -7.09
C ARG A 20 9.15 2.45 -6.98
N PRO A 21 9.23 1.93 -5.74
CA PRO A 21 9.83 0.63 -5.45
C PRO A 21 8.99 -0.52 -6.00
N PRO A 22 9.59 -1.73 -6.04
CA PRO A 22 8.92 -2.93 -6.53
C PRO A 22 7.82 -3.41 -5.58
N THR A 23 6.76 -2.60 -5.47
CA THR A 23 5.64 -2.94 -4.59
C THR A 23 4.37 -3.16 -5.40
N HIS A 24 3.59 -4.17 -5.00
CA HIS A 24 2.34 -4.49 -5.69
C HIS A 24 1.18 -3.68 -5.11
N GLU A 25 0.10 -3.59 -5.86
CA GLU A 25 -1.08 -2.84 -5.42
C GLU A 25 -2.04 -3.75 -4.66
N CYS A 26 -2.02 -3.63 -3.33
CA CYS A 26 -2.89 -4.43 -2.48
C CYS A 26 -3.64 -3.55 -1.49
N LEU A 27 -4.89 -3.90 -1.22
CA LEU A 27 -5.73 -3.15 -0.29
C LEU A 27 -6.08 -4.00 0.93
N HIS A 28 -5.40 -3.75 2.04
CA HIS A 28 -5.65 -4.48 3.27
C HIS A 28 -6.36 -3.59 4.30
N PHE A 29 -5.69 -2.54 4.73
CA PHE A 29 -6.26 -1.62 5.71
C PHE A 29 -6.73 -0.34 5.04
N PRO A 30 -7.70 0.35 5.68
CA PRO A 30 -8.26 1.59 5.16
C PRO A 30 -7.27 2.75 5.23
N CYS A 31 -6.79 3.17 4.07
CA CYS A 31 -5.83 4.27 3.99
C CYS A 31 -6.53 5.62 4.16
N PRO A 32 -5.76 6.65 4.53
CA PRO A 32 -6.28 8.00 4.73
C PRO A 32 -6.71 8.66 3.42
N GLY A 33 -8.00 8.96 3.30
CA GLY A 33 -8.51 9.59 2.10
C GLY A 33 -8.32 8.72 0.86
N TYR A 34 -8.26 9.36 -0.30
CA TYR A 34 -8.09 8.64 -1.55
C TYR A 34 -6.64 8.20 -1.73
N LEU A 35 -6.19 7.29 -0.87
CA LEU A 35 -4.82 6.79 -0.93
C LEU A 35 -4.81 5.27 -1.08
N LYS A 36 -3.92 4.78 -1.94
CA LYS A 36 -3.80 3.35 -2.18
C LYS A 36 -2.71 2.74 -1.30
N CYS A 37 -2.76 1.41 -1.15
CA CYS A 37 -1.78 0.71 -0.33
C CYS A 37 -0.91 -0.21 -1.20
N CYS A 38 0.39 -0.19 -0.95
CA CYS A 38 1.32 -1.02 -1.71
C CYS A 38 1.92 -2.11 -0.82
N CYS A 39 1.98 -3.32 -1.36
CA CYS A 39 2.52 -4.45 -0.63
C CYS A 39 4.01 -4.63 -0.92
N TYR A 40 4.82 -4.63 0.13
CA TYR A 40 6.25 -4.79 -0.02
C TYR A 40 6.61 -6.22 -0.42
N PRO A 41 7.81 -6.41 -0.99
CA PRO A 41 8.29 -7.72 -1.42
C PRO A 41 8.61 -8.63 -0.26
N PCA A 1 -7.44 -13.33 3.77
CA PCA A 1 -6.00 -13.46 3.72
CB PCA A 1 -5.68 -12.64 2.46
CG PCA A 1 -6.88 -13.06 1.56
CD PCA A 1 -7.98 -13.11 2.61
OE PCA A 1 -9.16 -12.97 2.38
C PCA A 1 -5.48 -12.97 5.06
O PCA A 1 -6.17 -12.41 5.90
H PCA A 1 -7.92 -13.41 4.61
HA PCA A 1 -5.68 -14.47 3.59
HB2 PCA A 1 -5.68 -11.58 2.63
HB3 PCA A 1 -4.73 -12.94 2.01
HG2 PCA A 1 -7.10 -12.32 0.82
HG3 PCA A 1 -6.73 -14.02 1.12
N SER A 2 -4.18 -13.21 5.24
CA SER A 2 -3.48 -12.83 6.46
C SER A 2 -2.39 -11.81 6.17
N GLU A 3 -2.80 -10.63 5.72
CA GLU A 3 -1.85 -9.56 5.40
C GLU A 3 -2.38 -8.20 5.85
N PHE A 4 -1.51 -7.39 6.42
CA PHE A 4 -1.88 -6.07 6.90
C PHE A 4 -0.94 -4.99 6.35
N CYS A 5 -1.51 -3.87 5.95
CA CYS A 5 -0.73 -2.76 5.40
C CYS A 5 -0.38 -1.75 6.49
N GLY A 6 0.88 -1.74 6.90
CA GLY A 6 1.31 -0.81 7.93
C GLY A 6 2.50 0.02 7.49
N HIS A 7 3.70 -0.42 7.86
CA HIS A 7 4.93 0.29 7.50
C HIS A 7 5.91 -0.64 6.79
N ASP A 8 6.29 -1.71 7.47
CA ASP A 8 7.23 -2.68 6.91
C ASP A 8 6.55 -3.54 5.85
N VAL A 9 5.27 -3.86 6.09
CA VAL A 9 4.51 -4.68 5.15
C VAL A 9 4.05 -3.86 3.94
N GLY A 10 3.70 -2.60 4.20
CA GLY A 10 3.24 -1.74 3.13
C GLY A 10 3.21 -0.27 3.54
N GLU A 11 2.87 0.60 2.59
CA GLU A 11 2.80 2.03 2.86
C GLU A 11 1.62 2.66 2.13
N CYS A 12 1.09 3.75 2.69
CA CYS A 12 -0.04 4.44 2.10
C CYS A 12 0.45 5.53 1.13
N VAL A 13 0.00 5.44 -0.12
CA VAL A 13 0.38 6.41 -1.13
C VAL A 13 -0.80 6.77 -2.02
N PRO A 14 -0.74 7.95 -2.66
CA PRO A 14 -1.80 8.42 -3.55
C PRO A 14 -1.87 7.61 -4.86
N PRO A 15 -3.04 7.67 -5.51
CA PRO A 15 -3.26 6.94 -6.78
C PRO A 15 -2.46 7.54 -7.93
N LYS A 16 -2.37 8.86 -7.97
CA LYS A 16 -1.63 9.56 -9.01
C LYS A 16 -0.16 9.13 -9.03
N LEU A 17 0.36 8.80 -7.85
CA LEU A 17 1.75 8.37 -7.73
C LEU A 17 1.84 6.84 -7.70
N VAL A 18 2.16 6.26 -8.85
CA VAL A 18 2.29 4.81 -8.96
C VAL A 18 3.48 4.30 -8.15
N CYS A 19 3.35 3.08 -7.65
CA CYS A 19 4.41 2.47 -6.85
C CYS A 19 5.74 2.49 -7.60
N ARG A 20 6.66 3.33 -7.13
CA ARG A 20 7.98 3.45 -7.76
C ARG A 20 8.77 2.14 -7.61
N PRO A 21 9.01 1.75 -6.36
CA PRO A 21 9.77 0.53 -6.05
C PRO A 21 8.98 -0.73 -6.40
N PRO A 22 9.67 -1.89 -6.40
CA PRO A 22 9.06 -3.18 -6.71
C PRO A 22 8.10 -3.65 -5.63
N THR A 23 7.00 -2.93 -5.47
CA THR A 23 6.00 -3.26 -4.46
C THR A 23 4.71 -3.77 -5.11
N HIS A 24 4.09 -4.75 -4.47
CA HIS A 24 2.85 -5.32 -4.99
C HIS A 24 1.63 -4.58 -4.43
N GLU A 25 0.86 -3.96 -5.32
CA GLU A 25 -0.34 -3.22 -4.91
C GLU A 25 -1.29 -4.11 -4.12
N CYS A 26 -1.41 -3.84 -2.83
CA CYS A 26 -2.28 -4.62 -1.96
C CYS A 26 -3.16 -3.70 -1.11
N LEU A 27 -4.39 -4.12 -0.87
CA LEU A 27 -5.33 -3.34 -0.07
C LEU A 27 -5.75 -4.10 1.18
N HIS A 28 -5.31 -3.62 2.35
CA HIS A 28 -5.64 -4.25 3.62
C HIS A 28 -5.97 -3.20 4.67
N PHE A 29 -5.17 -2.15 4.72
CA PHE A 29 -5.37 -1.08 5.70
C PHE A 29 -6.19 0.06 5.09
N PRO A 30 -7.16 0.57 5.87
CA PRO A 30 -8.03 1.66 5.43
C PRO A 30 -7.28 2.99 5.32
N CYS A 31 -6.51 3.14 4.24
CA CYS A 31 -5.74 4.36 4.01
C CYS A 31 -6.63 5.59 4.12
N PRO A 32 -6.01 6.76 4.34
CA PRO A 32 -6.73 8.03 4.47
C PRO A 32 -7.33 8.49 3.14
N GLY A 33 -8.65 8.62 3.10
CA GLY A 33 -9.31 9.05 1.89
C GLY A 33 -9.04 8.14 0.71
N TYR A 34 -9.12 8.68 -0.50
CA TYR A 34 -8.89 7.89 -1.71
C TYR A 34 -7.40 7.63 -1.90
N LEU A 35 -6.83 6.78 -1.06
CA LEU A 35 -5.41 6.45 -1.15
C LEU A 35 -5.22 4.94 -1.33
N LYS A 36 -4.11 4.57 -1.96
CA LYS A 36 -3.80 3.16 -2.20
C LYS A 36 -2.62 2.71 -1.34
N CYS A 37 -2.49 1.41 -1.17
CA CYS A 37 -1.41 0.85 -0.36
C CYS A 37 -0.60 -0.16 -1.17
N CYS A 38 0.71 -0.12 -1.01
CA CYS A 38 1.60 -1.03 -1.72
C CYS A 38 2.37 -1.92 -0.74
N CYS A 39 2.44 -3.21 -1.05
CA CYS A 39 3.13 -4.16 -0.20
C CYS A 39 4.62 -4.20 -0.55
N TYR A 40 5.46 -4.24 0.49
CA TYR A 40 6.90 -4.28 0.30
C TYR A 40 7.39 -5.70 0.10
N PRO A 41 8.58 -5.85 -0.51
CA PRO A 41 9.18 -7.16 -0.77
C PRO A 41 9.65 -7.84 0.51
N PCA A 1 -5.55 -16.10 7.89
CA PCA A 1 -4.55 -15.15 8.35
CB PCA A 1 -3.74 -16.02 9.31
CG PCA A 1 -4.90 -16.85 9.94
CD PCA A 1 -5.79 -17.05 8.73
OE PCA A 1 -6.57 -17.97 8.58
C PCA A 1 -3.87 -14.59 7.11
O PCA A 1 -3.00 -15.19 6.48
H PCA A 1 -5.98 -15.98 7.02
HA PCA A 1 -4.98 -14.33 8.87
HB2 PCA A 1 -3.05 -16.67 8.81
HB3 PCA A 1 -3.23 -15.43 10.06
HG2 PCA A 1 -4.56 -17.80 10.33
HG3 PCA A 1 -5.43 -16.29 10.70
N SER A 2 -4.31 -13.39 6.76
CA SER A 2 -3.79 -12.69 5.59
C SER A 2 -2.87 -11.54 6.02
N GLU A 3 -2.12 -11.02 5.06
CA GLU A 3 -1.20 -9.92 5.33
C GLU A 3 -1.98 -8.63 5.63
N PHE A 4 -1.32 -7.70 6.33
CA PHE A 4 -1.94 -6.44 6.68
C PHE A 4 -1.18 -5.27 6.07
N CYS A 5 -1.91 -4.21 5.73
CA CYS A 5 -1.30 -3.02 5.13
C CYS A 5 -0.99 -1.97 6.20
N GLY A 6 0.29 -1.78 6.49
CA GLY A 6 0.68 -0.81 7.49
C GLY A 6 1.83 0.06 7.03
N HIS A 7 2.89 0.12 7.84
CA HIS A 7 4.06 0.92 7.51
C HIS A 7 5.28 0.03 7.28
N ASP A 8 5.42 -0.99 8.11
CA ASP A 8 6.55 -1.92 8.01
C ASP A 8 6.35 -2.87 6.83
N VAL A 9 5.35 -3.74 6.95
CA VAL A 9 5.06 -4.71 5.89
C VAL A 9 4.82 -4.01 4.56
N GLY A 10 4.17 -2.86 4.61
CA GLY A 10 3.88 -2.11 3.40
C GLY A 10 3.82 -0.61 3.64
N GLU A 11 3.49 0.14 2.60
CA GLU A 11 3.40 1.59 2.70
C GLU A 11 2.27 2.13 1.84
N CYS A 12 1.68 3.25 2.26
CA CYS A 12 0.59 3.87 1.53
C CYS A 12 1.08 5.07 0.72
N VAL A 13 0.44 5.31 -0.41
CA VAL A 13 0.81 6.42 -1.29
C VAL A 13 -0.40 6.95 -2.05
N PRO A 14 -0.30 8.20 -2.52
CA PRO A 14 -1.38 8.85 -3.28
C PRO A 14 -1.56 8.23 -4.66
N PRO A 15 -2.73 8.49 -5.28
CA PRO A 15 -3.04 7.97 -6.61
C PRO A 15 -2.21 8.64 -7.70
N LYS A 16 -1.96 9.93 -7.55
CA LYS A 16 -1.17 10.67 -8.52
C LYS A 16 0.26 10.12 -8.60
N LEU A 17 0.75 9.63 -7.48
CA LEU A 17 2.10 9.07 -7.42
C LEU A 17 2.07 7.55 -7.46
N VAL A 18 2.52 6.98 -8.57
CA VAL A 18 2.54 5.53 -8.74
C VAL A 18 3.70 4.91 -7.96
N CYS A 19 3.50 3.68 -7.51
CA CYS A 19 4.52 2.97 -6.74
C CYS A 19 5.82 2.87 -7.55
N ARG A 20 6.84 3.60 -7.11
CA ARG A 20 8.13 3.59 -7.79
C ARG A 20 8.73 2.19 -7.80
N PRO A 21 8.96 1.64 -6.60
CA PRO A 21 9.53 0.30 -6.44
C PRO A 21 8.56 -0.79 -6.86
N PRO A 22 9.11 -2.00 -7.12
CA PRO A 22 8.31 -3.16 -7.54
C PRO A 22 7.42 -3.69 -6.41
N THR A 23 6.43 -2.88 -6.02
CA THR A 23 5.51 -3.27 -4.96
C THR A 23 4.19 -3.77 -5.52
N HIS A 24 3.56 -4.70 -4.81
CA HIS A 24 2.28 -5.25 -5.25
C HIS A 24 1.12 -4.56 -4.54
N GLU A 25 0.27 -3.91 -5.32
CA GLU A 25 -0.88 -3.20 -4.76
C GLU A 25 -1.76 -4.15 -3.96
N CYS A 26 -1.80 -3.93 -2.65
CA CYS A 26 -2.61 -4.77 -1.76
C CYS A 26 -3.50 -3.91 -0.86
N LEU A 27 -4.81 -3.99 -1.11
CA LEU A 27 -5.77 -3.22 -0.32
C LEU A 27 -6.32 -4.05 0.84
N HIS A 28 -5.94 -3.68 2.05
CA HIS A 28 -6.39 -4.39 3.25
C HIS A 28 -6.72 -3.40 4.37
N PHE A 29 -5.87 -2.39 4.53
CA PHE A 29 -6.08 -1.38 5.57
C PHE A 29 -6.75 -0.14 5.00
N PRO A 30 -7.75 0.38 5.74
CA PRO A 30 -8.51 1.56 5.33
C PRO A 30 -7.67 2.83 5.39
N CYS A 31 -6.92 3.09 4.32
CA CYS A 31 -6.07 4.27 4.26
C CYS A 31 -6.91 5.54 4.15
N PRO A 32 -6.29 6.69 4.48
CA PRO A 32 -6.96 7.99 4.42
C PRO A 32 -7.26 8.44 3.00
N GLY A 33 -8.52 8.72 2.72
CA GLY A 33 -8.90 9.16 1.38
C GLY A 33 -8.62 8.11 0.32
N TYR A 34 -8.59 8.54 -0.93
CA TYR A 34 -8.34 7.62 -2.04
C TYR A 34 -6.85 7.29 -2.14
N LEU A 35 -6.31 6.69 -1.09
CA LEU A 35 -4.90 6.32 -1.06
C LEU A 35 -4.70 4.88 -1.50
N LYS A 36 -3.59 4.63 -2.18
CA LYS A 36 -3.28 3.28 -2.66
C LYS A 36 -2.22 2.62 -1.78
N CYS A 37 -2.42 1.35 -1.47
CA CYS A 37 -1.48 0.60 -0.64
C CYS A 37 -0.61 -0.32 -1.50
N CYS A 38 0.68 -0.31 -1.21
CA CYS A 38 1.63 -1.15 -1.95
C CYS A 38 2.40 -2.06 -1.00
N CYS A 39 2.40 -3.36 -1.31
CA CYS A 39 3.09 -4.34 -0.49
C CYS A 39 4.57 -4.42 -0.87
N TYR A 40 5.44 -4.27 0.12
CA TYR A 40 6.88 -4.32 -0.10
C TYR A 40 7.34 -5.73 -0.41
N PRO A 41 8.51 -5.86 -1.03
CA PRO A 41 9.09 -7.15 -1.40
C PRO A 41 9.55 -7.94 -0.17
N PCA A 1 0.42 -14.97 6.61
CA PCA A 1 -0.89 -15.55 6.37
CB PCA A 1 -1.17 -16.22 7.73
CG PCA A 1 0.26 -16.74 8.05
CD PCA A 1 1.10 -15.59 7.52
OE PCA A 1 2.21 -15.31 7.90
C PCA A 1 -1.80 -14.42 5.91
O PCA A 1 -2.39 -14.41 4.84
H PCA A 1 0.71 -14.20 6.10
HA PCA A 1 -0.89 -16.29 5.61
HB2 PCA A 1 -1.49 -15.51 8.48
HB3 PCA A 1 -1.88 -17.03 7.65
HG2 PCA A 1 0.41 -16.87 9.12
HG3 PCA A 1 0.48 -17.65 7.51
N SER A 2 -1.88 -13.43 6.80
CA SER A 2 -2.69 -12.24 6.55
C SER A 2 -1.82 -11.00 6.40
N GLU A 3 -2.01 -10.26 5.32
CA GLU A 3 -1.25 -9.05 5.07
C GLU A 3 -1.86 -7.85 5.79
N PHE A 4 -1.01 -6.96 6.30
CA PHE A 4 -1.47 -5.78 7.01
C PHE A 4 -0.71 -4.54 6.54
N CYS A 5 -1.46 -3.52 6.13
CA CYS A 5 -0.85 -2.28 5.66
C CYS A 5 -0.36 -1.44 6.83
N GLY A 6 0.96 -1.39 7.00
CA GLY A 6 1.54 -0.62 8.08
C GLY A 6 2.71 0.23 7.63
N HIS A 7 3.86 -0.40 7.42
CA HIS A 7 5.06 0.30 6.99
C HIS A 7 5.99 -0.65 6.22
N ASP A 8 6.29 -1.79 6.84
CA ASP A 8 7.18 -2.77 6.22
C ASP A 8 6.39 -3.73 5.34
N VAL A 9 5.17 -4.06 5.77
CA VAL A 9 4.31 -4.98 5.02
C VAL A 9 3.50 -4.22 3.98
N GLY A 10 3.11 -3.00 4.32
CA GLY A 10 2.32 -2.19 3.40
C GLY A 10 2.39 -0.72 3.73
N GLU A 11 2.35 0.12 2.69
CA GLU A 11 2.40 1.56 2.88
C GLU A 11 1.25 2.26 2.14
N CYS A 12 0.76 3.34 2.73
CA CYS A 12 -0.34 4.09 2.13
C CYS A 12 0.18 5.24 1.27
N VAL A 13 0.05 5.10 -0.04
CA VAL A 13 0.51 6.12 -0.97
C VAL A 13 -0.59 6.53 -1.94
N PRO A 14 -0.49 7.74 -2.48
CA PRO A 14 -1.47 8.29 -3.43
C PRO A 14 -1.43 7.57 -4.77
N PRO A 15 -2.57 7.55 -5.48
CA PRO A 15 -2.69 6.91 -6.79
C PRO A 15 -1.91 7.66 -7.87
N LYS A 16 -1.87 8.98 -7.75
CA LYS A 16 -1.16 9.82 -8.72
C LYS A 16 0.31 9.43 -8.80
N LEU A 17 0.86 8.98 -7.67
CA LEU A 17 2.26 8.59 -7.61
C LEU A 17 2.39 7.07 -7.65
N VAL A 18 3.15 6.57 -8.62
CA VAL A 18 3.36 5.14 -8.77
C VAL A 18 4.37 4.61 -7.75
N CYS A 19 4.19 3.37 -7.33
CA CYS A 19 5.07 2.76 -6.35
C CYS A 19 6.46 2.54 -6.95
N ARG A 20 7.45 3.25 -6.42
CA ARG A 20 8.82 3.13 -6.91
C ARG A 20 9.33 1.70 -6.76
N PRO A 21 9.35 1.22 -5.51
CA PRO A 21 9.82 -0.14 -5.20
C PRO A 21 8.85 -1.21 -5.71
N PRO A 22 9.31 -2.47 -5.72
CA PRO A 22 8.51 -3.60 -6.17
C PRO A 22 7.36 -3.93 -5.22
N THR A 23 6.41 -3.01 -5.13
CA THR A 23 5.26 -3.19 -4.25
C THR A 23 3.96 -3.34 -5.05
N HIS A 24 3.17 -4.35 -4.72
CA HIS A 24 1.91 -4.59 -5.41
C HIS A 24 0.83 -3.64 -4.92
N GLU A 25 0.07 -3.07 -5.86
CA GLU A 25 -1.00 -2.14 -5.51
C GLU A 25 -2.23 -2.89 -5.01
N CYS A 26 -2.28 -3.13 -3.71
CA CYS A 26 -3.40 -3.84 -3.11
C CYS A 26 -3.89 -3.11 -1.86
N LEU A 27 -5.19 -2.82 -1.81
CA LEU A 27 -5.79 -2.13 -0.68
C LEU A 27 -6.20 -3.12 0.40
N HIS A 28 -5.47 -3.12 1.51
CA HIS A 28 -5.76 -4.02 2.63
C HIS A 28 -6.48 -3.27 3.75
N PHE A 29 -5.89 -2.16 4.19
CA PHE A 29 -6.47 -1.36 5.25
C PHE A 29 -7.12 -0.10 4.69
N PRO A 30 -8.06 0.48 5.47
CA PRO A 30 -8.77 1.69 5.07
C PRO A 30 -7.87 2.93 5.06
N CYS A 31 -7.06 3.06 4.02
CA CYS A 31 -6.16 4.20 3.89
C CYS A 31 -6.91 5.51 3.99
N PRO A 32 -6.18 6.59 4.33
CA PRO A 32 -6.77 7.93 4.46
C PRO A 32 -7.20 8.51 3.12
N GLY A 33 -8.49 8.77 2.98
CA GLY A 33 -9.02 9.32 1.74
C GLY A 33 -8.73 8.44 0.55
N TYR A 34 -8.70 9.05 -0.63
CA TYR A 34 -8.43 8.31 -1.87
C TYR A 34 -6.95 7.93 -1.97
N LEU A 35 -6.55 6.96 -1.17
CA LEU A 35 -5.16 6.51 -1.17
C LEU A 35 -5.08 5.01 -1.46
N LYS A 36 -3.99 4.60 -2.09
CA LYS A 36 -3.78 3.19 -2.43
C LYS A 36 -2.66 2.59 -1.60
N CYS A 37 -2.90 1.39 -1.07
CA CYS A 37 -1.90 0.71 -0.24
C CYS A 37 -1.04 -0.21 -1.10
N CYS A 38 0.28 -0.14 -0.90
CA CYS A 38 1.21 -0.97 -1.65
C CYS A 38 1.81 -2.06 -0.77
N CYS A 39 1.48 -3.31 -1.09
CA CYS A 39 1.97 -4.45 -0.31
C CYS A 39 3.44 -4.73 -0.65
N TYR A 40 4.29 -4.72 0.37
CA TYR A 40 5.71 -4.98 0.18
C TYR A 40 5.96 -6.44 -0.17
N PRO A 41 7.13 -6.71 -0.77
CA PRO A 41 7.52 -8.07 -1.16
C PRO A 41 7.81 -8.96 0.04
N PCA A 1 -3.00 -14.52 4.77
CA PCA A 1 -4.25 -14.78 5.48
CB PCA A 1 -3.87 -16.03 6.27
CG PCA A 1 -3.00 -16.76 5.22
CD PCA A 1 -2.28 -15.57 4.59
OE PCA A 1 -1.21 -15.62 4.04
C PCA A 1 -4.59 -13.50 6.23
O PCA A 1 -5.66 -12.90 6.10
H PCA A 1 -2.79 -13.61 4.48
HA PCA A 1 -5.06 -14.99 4.82
HB2 PCA A 1 -3.29 -15.81 7.15
HB3 PCA A 1 -4.74 -16.62 6.54
HG2 PCA A 1 -2.28 -17.44 5.67
HG3 PCA A 1 -3.60 -17.26 4.47
N SER A 2 -3.63 -13.11 7.06
CA SER A 2 -3.77 -11.91 7.88
C SER A 2 -2.73 -10.87 7.49
N GLU A 3 -2.99 -10.15 6.41
CA GLU A 3 -2.07 -9.12 5.94
C GLU A 3 -2.68 -7.73 6.10
N PHE A 4 -1.92 -6.82 6.72
CA PHE A 4 -2.38 -5.46 6.95
C PHE A 4 -1.30 -4.45 6.56
N CYS A 5 -1.68 -3.48 5.74
CA CYS A 5 -0.74 -2.45 5.30
C CYS A 5 -0.50 -1.42 6.41
N GLY A 6 0.68 -1.49 7.02
CA GLY A 6 1.02 -0.56 8.08
C GLY A 6 2.26 -0.97 8.84
N HIS A 7 2.21 -2.13 9.48
CA HIS A 7 3.34 -2.63 10.24
C HIS A 7 4.43 -3.15 9.31
N ASP A 8 5.15 -2.23 8.67
CA ASP A 8 6.22 -2.60 7.76
C ASP A 8 5.74 -3.63 6.73
N VAL A 9 4.46 -3.54 6.38
CA VAL A 9 3.87 -4.47 5.42
C VAL A 9 3.75 -3.82 4.03
N GLY A 10 3.46 -2.52 4.03
CA GLY A 10 3.32 -1.80 2.77
C GLY A 10 3.29 -0.29 2.96
N GLU A 11 3.70 0.44 1.93
CA GLU A 11 3.72 1.90 2.00
C GLU A 11 2.53 2.49 1.26
N CYS A 12 1.76 3.32 1.95
CA CYS A 12 0.59 3.95 1.35
C CYS A 12 0.99 5.15 0.50
N VAL A 13 0.32 5.31 -0.64
CA VAL A 13 0.61 6.42 -1.54
C VAL A 13 -0.65 6.84 -2.31
N PRO A 14 -0.62 8.06 -2.86
CA PRO A 14 -1.75 8.62 -3.63
C PRO A 14 -1.93 7.91 -4.96
N PRO A 15 -3.15 7.98 -5.50
CA PRO A 15 -3.49 7.36 -6.79
C PRO A 15 -2.83 8.07 -7.97
N LYS A 16 -2.63 9.37 -7.83
CA LYS A 16 -2.00 10.16 -8.88
C LYS A 16 -0.58 9.66 -9.17
N LEU A 17 0.08 9.16 -8.14
CA LEU A 17 1.43 8.64 -8.26
C LEU A 17 1.44 7.12 -8.29
N VAL A 18 2.46 6.54 -8.94
CA VAL A 18 2.58 5.10 -9.03
C VAL A 18 3.71 4.59 -8.16
N CYS A 19 3.57 3.37 -7.66
CA CYS A 19 4.58 2.76 -6.81
C CYS A 19 5.96 2.81 -7.47
N ARG A 20 6.83 3.64 -6.92
CA ARG A 20 8.18 3.80 -7.46
C ARG A 20 8.95 2.48 -7.36
N PRO A 21 9.13 1.98 -6.13
CA PRO A 21 9.85 0.74 -5.87
C PRO A 21 9.08 -0.49 -6.36
N PRO A 22 9.76 -1.64 -6.39
CA PRO A 22 9.16 -2.90 -6.83
C PRO A 22 8.12 -3.43 -5.85
N THR A 23 7.02 -2.70 -5.72
CA THR A 23 5.95 -3.09 -4.80
C THR A 23 4.66 -3.38 -5.56
N HIS A 24 3.92 -4.38 -5.09
CA HIS A 24 2.66 -4.76 -5.73
C HIS A 24 1.49 -4.03 -5.09
N GLU A 25 0.50 -3.66 -5.91
CA GLU A 25 -0.66 -2.95 -5.43
C GLU A 25 -1.48 -3.82 -4.47
N CYS A 26 -1.30 -3.58 -3.18
CA CYS A 26 -2.02 -4.35 -2.16
C CYS A 26 -2.64 -3.42 -1.12
N LEU A 27 -3.96 -3.36 -1.12
CA LEU A 27 -4.68 -2.51 -0.18
C LEU A 27 -5.46 -3.35 0.83
N HIS A 28 -5.03 -3.30 2.09
CA HIS A 28 -5.68 -4.05 3.15
C HIS A 28 -6.20 -3.12 4.25
N PHE A 29 -5.28 -2.40 4.90
CA PHE A 29 -5.63 -1.48 5.96
C PHE A 29 -6.33 -0.24 5.40
N PRO A 30 -7.28 0.32 6.17
CA PRO A 30 -8.03 1.51 5.76
C PRO A 30 -7.16 2.76 5.75
N CYS A 31 -6.76 3.19 4.55
CA CYS A 31 -5.94 4.37 4.40
C CYS A 31 -6.79 5.63 4.30
N PRO A 32 -6.17 6.79 4.54
CA PRO A 32 -6.85 8.08 4.47
C PRO A 32 -7.25 8.47 3.05
N GLY A 33 -8.53 8.72 2.84
CA GLY A 33 -9.01 9.10 1.51
C GLY A 33 -8.79 8.01 0.49
N TYR A 34 -8.86 8.38 -0.78
CA TYR A 34 -8.67 7.42 -1.87
C TYR A 34 -7.19 7.11 -2.06
N LEU A 35 -6.55 6.58 -1.01
CA LEU A 35 -5.14 6.24 -1.07
C LEU A 35 -4.95 4.78 -1.45
N LYS A 36 -3.77 4.46 -2.00
CA LYS A 36 -3.47 3.10 -2.41
C LYS A 36 -2.23 2.57 -1.68
N CYS A 37 -2.34 1.34 -1.17
CA CYS A 37 -1.23 0.73 -0.45
C CYS A 37 -0.44 -0.21 -1.36
N CYS A 38 0.88 -0.24 -1.18
CA CYS A 38 1.74 -1.10 -1.98
C CYS A 38 2.54 -2.05 -1.09
N CYS A 39 2.28 -3.34 -1.25
CA CYS A 39 2.98 -4.36 -0.46
C CYS A 39 4.39 -4.59 -1.00
N TYR A 40 5.35 -4.70 -0.09
CA TYR A 40 6.74 -4.93 -0.47
C TYR A 40 6.97 -6.37 -0.89
N PRO A 41 8.05 -6.61 -1.64
CA PRO A 41 8.41 -7.95 -2.11
C PRO A 41 8.87 -8.87 -0.98
N PCA A 1 -2.68 -17.08 6.50
CA PCA A 1 -2.69 -15.98 7.45
CB PCA A 1 -1.75 -16.53 8.54
CG PCA A 1 -2.20 -18.02 8.54
CD PCA A 1 -2.42 -18.22 7.05
OE PCA A 1 -2.35 -19.30 6.48
C PCA A 1 -2.27 -14.74 6.68
O PCA A 1 -1.10 -14.43 6.48
H PCA A 1 -2.86 -16.92 5.56
HA PCA A 1 -3.66 -15.80 7.86
HB2 PCA A 1 -0.71 -16.44 8.28
HB3 PCA A 1 -1.95 -16.07 9.50
HG2 PCA A 1 -1.42 -18.67 8.90
HG3 PCA A 1 -3.11 -18.17 9.08
N SER A 2 -3.30 -14.02 6.25
CA SER A 2 -3.11 -12.79 5.50
C SER A 2 -2.22 -11.81 6.25
N GLU A 3 -1.79 -10.76 5.57
CA GLU A 3 -0.92 -9.75 6.18
C GLU A 3 -1.73 -8.50 6.54
N PHE A 4 -1.04 -7.48 7.04
CA PHE A 4 -1.68 -6.22 7.42
C PHE A 4 -0.97 -5.04 6.79
N CYS A 5 -1.69 -4.26 6.00
CA CYS A 5 -1.13 -3.09 5.33
C CYS A 5 -0.98 -1.94 6.32
N GLY A 6 0.14 -1.21 6.21
CA GLY A 6 0.38 -0.08 7.08
C GLY A 6 1.62 0.69 6.71
N HIS A 7 2.75 0.30 7.28
CA HIS A 7 4.02 0.96 6.99
C HIS A 7 5.13 -0.05 6.74
N ASP A 8 5.14 -1.12 7.52
CA ASP A 8 6.14 -2.17 7.38
C ASP A 8 5.80 -3.09 6.21
N VAL A 9 4.64 -3.73 6.29
CA VAL A 9 4.20 -4.63 5.23
C VAL A 9 3.88 -3.87 3.95
N GLY A 10 3.30 -2.69 4.10
CA GLY A 10 2.95 -1.88 2.95
C GLY A 10 3.09 -0.40 3.21
N GLU A 11 2.75 0.42 2.23
CA GLU A 11 2.83 1.87 2.36
C GLU A 11 1.59 2.55 1.80
N CYS A 12 1.28 3.74 2.32
CA CYS A 12 0.13 4.49 1.87
C CYS A 12 0.54 5.66 0.98
N VAL A 13 0.31 5.52 -0.32
CA VAL A 13 0.66 6.56 -1.27
C VAL A 13 -0.52 6.91 -2.16
N PRO A 14 -0.51 8.14 -2.71
CA PRO A 14 -1.58 8.61 -3.59
C PRO A 14 -1.58 7.91 -4.95
N PRO A 15 -2.72 7.97 -5.65
CA PRO A 15 -2.88 7.33 -6.96
C PRO A 15 -2.07 8.04 -8.04
N LYS A 16 -1.96 9.37 -7.93
CA LYS A 16 -1.21 10.16 -8.90
C LYS A 16 0.25 9.71 -8.95
N LEU A 17 0.77 9.27 -7.81
CA LEU A 17 2.15 8.81 -7.72
C LEU A 17 2.22 7.28 -7.65
N VAL A 18 2.63 6.66 -8.75
CA VAL A 18 2.74 5.21 -8.80
C VAL A 18 3.81 4.71 -7.83
N CYS A 19 3.60 3.49 -7.32
CA CYS A 19 4.53 2.89 -6.38
C CYS A 19 5.93 2.80 -6.99
N ARG A 20 6.85 3.63 -6.46
CA ARG A 20 8.22 3.65 -6.95
C ARG A 20 8.86 2.26 -6.84
N PRO A 21 8.94 1.74 -5.60
CA PRO A 21 9.52 0.43 -5.35
C PRO A 21 8.65 -0.71 -5.87
N PRO A 22 9.26 -1.90 -6.00
CA PRO A 22 8.56 -3.09 -6.48
C PRO A 22 7.53 -3.61 -5.50
N THR A 23 6.47 -2.83 -5.29
CA THR A 23 5.41 -3.21 -4.37
C THR A 23 4.14 -3.61 -5.12
N HIS A 24 3.57 -4.75 -4.75
CA HIS A 24 2.36 -5.24 -5.38
C HIS A 24 1.13 -4.52 -4.84
N GLU A 25 0.35 -3.93 -5.73
CA GLU A 25 -0.86 -3.20 -5.33
C GLU A 25 -1.79 -4.10 -4.54
N CYS A 26 -1.91 -3.83 -3.24
CA CYS A 26 -2.77 -4.62 -2.37
C CYS A 26 -3.64 -3.71 -1.51
N LEU A 27 -4.89 -4.11 -1.30
CA LEU A 27 -5.83 -3.34 -0.49
C LEU A 27 -6.25 -4.12 0.75
N HIS A 28 -5.67 -3.77 1.90
CA HIS A 28 -6.00 -4.43 3.16
C HIS A 28 -6.33 -3.41 4.24
N PHE A 29 -5.53 -2.36 4.31
CA PHE A 29 -5.73 -1.32 5.30
C PHE A 29 -6.36 -0.08 4.67
N PRO A 30 -7.38 0.49 5.34
CA PRO A 30 -8.08 1.68 4.86
C PRO A 30 -7.21 2.94 4.94
N CYS A 31 -6.36 3.12 3.93
CA CYS A 31 -5.47 4.27 3.88
C CYS A 31 -6.26 5.57 4.08
N PRO A 32 -5.55 6.64 4.47
CA PRO A 32 -6.15 7.95 4.70
C PRO A 32 -6.62 8.61 3.40
N GLY A 33 -7.92 8.85 3.30
CA GLY A 33 -8.46 9.48 2.11
C GLY A 33 -8.26 8.63 0.87
N TYR A 34 -8.28 9.27 -0.30
CA TYR A 34 -8.10 8.57 -1.57
C TYR A 34 -6.64 8.16 -1.76
N LEU A 35 -6.23 7.12 -1.05
CA LEU A 35 -4.86 6.62 -1.14
C LEU A 35 -4.83 5.14 -1.48
N LYS A 36 -3.77 4.70 -2.14
CA LYS A 36 -3.63 3.30 -2.53
C LYS A 36 -2.55 2.62 -1.69
N CYS A 37 -2.84 1.40 -1.25
CA CYS A 37 -1.89 0.64 -0.44
C CYS A 37 -1.04 -0.28 -1.30
N CYS A 38 0.26 -0.28 -1.07
CA CYS A 38 1.18 -1.11 -1.83
C CYS A 38 1.88 -2.12 -0.92
N CYS A 39 1.78 -3.39 -1.28
CA CYS A 39 2.41 -4.46 -0.50
C CYS A 39 3.90 -4.57 -0.82
N TYR A 40 4.71 -4.76 0.20
CA TYR A 40 6.16 -4.89 0.02
C TYR A 40 6.54 -6.33 -0.30
N PRO A 41 7.73 -6.50 -0.90
CA PRO A 41 8.25 -7.82 -1.27
C PRO A 41 8.62 -8.66 -0.05
N PCA A 1 -6.45 -15.75 6.52
CA PCA A 1 -5.62 -14.84 7.31
CB PCA A 1 -5.09 -15.80 8.38
CG PCA A 1 -6.35 -16.66 8.62
CD PCA A 1 -6.88 -16.77 7.19
OE PCA A 1 -7.57 -17.67 6.78
C PCA A 1 -4.65 -14.20 6.34
O PCA A 1 -3.74 -14.80 5.77
H PCA A 1 -6.64 -15.56 5.59
HA PCA A 1 -6.20 -14.07 7.77
HB2 PCA A 1 -4.27 -16.41 8.03
HB3 PCA A 1 -4.80 -15.27 9.28
HG2 PCA A 1 -6.11 -17.65 9.00
HG3 PCA A 1 -7.07 -16.17 9.25
N SER A 2 -4.88 -12.90 6.17
CA SER A 2 -4.04 -12.09 5.27
C SER A 2 -3.28 -11.03 6.05
N GLU A 3 -2.17 -10.57 5.49
CA GLU A 3 -1.35 -9.55 6.12
C GLU A 3 -2.08 -8.20 6.15
N PHE A 4 -1.52 -7.25 6.88
CA PHE A 4 -2.11 -5.91 6.98
C PHE A 4 -1.15 -4.85 6.47
N CYS A 5 -1.70 -3.77 5.94
CA CYS A 5 -0.90 -2.67 5.41
C CYS A 5 -0.59 -1.64 6.49
N GLY A 6 0.68 -1.48 6.80
CA GLY A 6 1.08 -0.53 7.83
C GLY A 6 2.27 0.32 7.40
N HIS A 7 3.45 -0.03 7.90
CA HIS A 7 4.67 0.70 7.57
C HIS A 7 5.77 -0.25 7.11
N ASP A 8 6.02 -1.28 7.90
CA ASP A 8 7.04 -2.26 7.57
C ASP A 8 6.56 -3.20 6.45
N VAL A 9 5.45 -3.88 6.70
CA VAL A 9 4.89 -4.81 5.72
C VAL A 9 4.55 -4.08 4.42
N GLY A 10 4.05 -2.85 4.53
CA GLY A 10 3.69 -2.08 3.36
C GLY A 10 3.61 -0.60 3.64
N GLU A 11 3.34 0.18 2.60
CA GLU A 11 3.25 1.64 2.75
C GLU A 11 2.09 2.18 1.91
N CYS A 12 1.45 3.22 2.43
CA CYS A 12 0.32 3.85 1.73
C CYS A 12 0.78 5.08 0.95
N VAL A 13 0.22 5.25 -0.24
CA VAL A 13 0.57 6.39 -1.08
C VAL A 13 -0.61 6.81 -1.97
N PRO A 14 -0.57 8.06 -2.44
CA PRO A 14 -1.63 8.60 -3.31
C PRO A 14 -1.63 7.97 -4.69
N PRO A 15 -2.76 8.07 -5.39
CA PRO A 15 -2.92 7.51 -6.74
C PRO A 15 -2.10 8.28 -7.77
N LYS A 16 -2.00 9.59 -7.59
CA LYS A 16 -1.25 10.43 -8.51
C LYS A 16 0.21 9.99 -8.58
N LEU A 17 0.72 9.47 -7.47
CA LEU A 17 2.10 9.02 -7.42
C LEU A 17 2.18 7.50 -7.55
N VAL A 18 2.86 7.02 -8.59
CA VAL A 18 3.00 5.60 -8.81
C VAL A 18 4.14 5.02 -7.99
N CYS A 19 4.00 3.75 -7.60
CA CYS A 19 5.02 3.08 -6.81
C CYS A 19 6.30 2.88 -7.61
N ARG A 20 7.36 3.56 -7.19
CA ARG A 20 8.65 3.45 -7.87
C ARG A 20 9.15 2.01 -7.88
N PRO A 21 9.34 1.45 -6.67
CA PRO A 21 9.82 0.07 -6.52
C PRO A 21 8.77 -0.96 -6.94
N PRO A 22 9.23 -2.20 -7.19
CA PRO A 22 8.35 -3.29 -7.60
C PRO A 22 7.41 -3.74 -6.47
N THR A 23 6.48 -2.87 -6.10
CA THR A 23 5.53 -3.18 -5.03
C THR A 23 4.20 -3.61 -5.61
N HIS A 24 3.54 -4.55 -4.92
CA HIS A 24 2.25 -5.06 -5.36
C HIS A 24 1.11 -4.38 -4.60
N GLU A 25 0.15 -3.81 -5.34
CA GLU A 25 -0.98 -3.14 -4.73
C GLU A 25 -1.75 -4.08 -3.80
N CYS A 26 -1.83 -3.70 -2.52
CA CYS A 26 -2.52 -4.51 -1.54
C CYS A 26 -3.55 -3.68 -0.79
N LEU A 27 -4.73 -4.25 -0.57
CA LEU A 27 -5.80 -3.56 0.15
C LEU A 27 -6.22 -4.35 1.38
N HIS A 28 -5.78 -3.90 2.55
CA HIS A 28 -6.11 -4.55 3.80
C HIS A 28 -6.58 -3.54 4.84
N PHE A 29 -5.87 -2.42 4.94
CA PHE A 29 -6.21 -1.37 5.90
C PHE A 29 -6.91 -0.21 5.19
N PRO A 30 -8.02 0.26 5.79
CA PRO A 30 -8.81 1.37 5.24
C PRO A 30 -8.07 2.70 5.34
N CYS A 31 -7.17 2.95 4.38
CA CYS A 31 -6.39 4.18 4.35
C CYS A 31 -7.31 5.39 4.18
N PRO A 32 -6.80 6.58 4.53
CA PRO A 32 -7.55 7.83 4.42
C PRO A 32 -7.77 8.25 2.97
N GLY A 33 -8.99 8.67 2.66
CA GLY A 33 -9.31 9.10 1.31
C GLY A 33 -8.94 8.05 0.28
N TYR A 34 -8.96 8.44 -0.99
CA TYR A 34 -8.64 7.53 -2.08
C TYR A 34 -7.14 7.28 -2.15
N LEU A 35 -6.64 6.49 -1.21
CA LEU A 35 -5.21 6.16 -1.16
C LEU A 35 -4.96 4.72 -1.58
N LYS A 36 -3.77 4.46 -2.10
CA LYS A 36 -3.41 3.11 -2.54
C LYS A 36 -2.23 2.57 -1.73
N CYS A 37 -2.31 1.31 -1.35
CA CYS A 37 -1.26 0.66 -0.57
C CYS A 37 -0.36 -0.18 -1.47
N CYS A 38 0.92 -0.26 -1.11
CA CYS A 38 1.89 -1.04 -1.88
C CYS A 38 2.60 -2.05 -0.98
N CYS A 39 2.77 -3.26 -1.51
CA CYS A 39 3.44 -4.33 -0.77
C CYS A 39 4.91 -4.42 -1.15
N TYR A 40 5.79 -4.21 -0.18
CA TYR A 40 7.22 -4.26 -0.41
C TYR A 40 7.66 -5.68 -0.77
N PRO A 41 8.82 -5.80 -1.42
CA PRO A 41 9.38 -7.08 -1.83
C PRO A 41 9.85 -7.92 -0.64
N PCA A 1 -4.74 -13.53 2.82
CA PCA A 1 -5.56 -14.01 3.92
CB PCA A 1 -5.17 -15.50 3.94
CG PCA A 1 -5.05 -15.77 2.42
CD PCA A 1 -4.43 -14.45 1.96
OE PCA A 1 -3.76 -14.31 0.97
C PCA A 1 -5.23 -13.15 5.12
O PCA A 1 -6.03 -12.38 5.65
H PCA A 1 -4.46 -12.60 2.78
HA PCA A 1 -6.60 -13.92 3.72
HB2 PCA A 1 -4.23 -15.69 4.43
HB3 PCA A 1 -5.94 -16.11 4.38
HG2 PCA A 1 -4.40 -16.59 2.19
HG3 PCA A 1 -6.02 -15.90 1.96
N SER A 2 -3.98 -13.31 5.55
CA SER A 2 -3.48 -12.57 6.70
C SER A 2 -2.42 -11.55 6.27
N GLU A 3 -2.83 -10.29 6.14
CA GLU A 3 -1.91 -9.24 5.73
C GLU A 3 -2.46 -7.87 6.11
N PHE A 4 -1.59 -6.98 6.57
CA PHE A 4 -1.99 -5.63 6.96
C PHE A 4 -1.06 -4.59 6.36
N CYS A 5 -1.60 -3.40 6.10
CA CYS A 5 -0.82 -2.32 5.52
C CYS A 5 -0.54 -1.23 6.56
N GLY A 6 0.73 -1.07 6.90
CA GLY A 6 1.11 -0.07 7.89
C GLY A 6 2.58 -0.12 8.24
N HIS A 7 3.00 -1.26 8.80
CA HIS A 7 4.40 -1.44 9.19
C HIS A 7 5.29 -1.60 7.97
N ASP A 8 6.53 -2.01 8.19
CA ASP A 8 7.48 -2.20 7.11
C ASP A 8 6.89 -3.08 6.01
N VAL A 9 5.95 -3.95 6.40
CA VAL A 9 5.31 -4.84 5.46
C VAL A 9 4.88 -4.10 4.19
N GLY A 10 4.27 -2.93 4.37
CA GLY A 10 3.84 -2.14 3.24
C GLY A 10 3.76 -0.66 3.55
N GLU A 11 3.32 0.13 2.58
CA GLU A 11 3.20 1.57 2.76
C GLU A 11 2.03 2.13 1.96
N CYS A 12 1.36 3.13 2.52
CA CYS A 12 0.22 3.76 1.85
C CYS A 12 0.66 4.97 1.04
N VAL A 13 0.29 4.99 -0.24
CA VAL A 13 0.66 6.10 -1.12
C VAL A 13 -0.55 6.57 -1.91
N PRO A 14 -0.48 7.81 -2.42
CA PRO A 14 -1.56 8.41 -3.22
C PRO A 14 -1.71 7.75 -4.58
N PRO A 15 -2.86 7.97 -5.22
CA PRO A 15 -3.16 7.41 -6.54
C PRO A 15 -2.31 8.04 -7.65
N LYS A 16 -2.15 9.36 -7.57
CA LYS A 16 -1.37 10.09 -8.56
C LYS A 16 0.07 9.58 -8.61
N LEU A 17 0.57 9.13 -7.45
CA LEU A 17 1.92 8.61 -7.38
C LEU A 17 1.92 7.09 -7.36
N VAL A 18 2.20 6.48 -8.52
CA VAL A 18 2.23 5.03 -8.63
C VAL A 18 3.42 4.45 -7.88
N CYS A 19 3.26 3.22 -7.40
CA CYS A 19 4.32 2.55 -6.66
C CYS A 19 5.63 2.59 -7.45
N ARG A 20 6.59 3.39 -6.97
CA ARG A 20 7.88 3.50 -7.62
C ARG A 20 8.60 2.16 -7.66
N PRO A 21 8.87 1.59 -6.47
CA PRO A 21 9.56 0.30 -6.35
C PRO A 21 8.68 -0.86 -6.82
N PRO A 22 9.33 -2.01 -7.06
CA PRO A 22 8.64 -3.22 -7.51
C PRO A 22 7.75 -3.82 -6.42
N THR A 23 6.69 -3.11 -6.06
CA THR A 23 5.78 -3.58 -5.03
C THR A 23 4.45 -4.03 -5.64
N HIS A 24 3.59 -4.60 -4.81
CA HIS A 24 2.28 -5.08 -5.27
C HIS A 24 1.16 -4.33 -4.55
N GLU A 25 0.41 -3.55 -5.32
CA GLU A 25 -0.71 -2.79 -4.76
C GLU A 25 -1.65 -3.69 -3.97
N CYS A 26 -1.63 -3.54 -2.65
CA CYS A 26 -2.47 -4.34 -1.77
C CYS A 26 -3.18 -3.46 -0.75
N LEU A 27 -4.50 -3.35 -0.88
CA LEU A 27 -5.30 -2.53 0.03
C LEU A 27 -5.77 -3.36 1.23
N HIS A 28 -5.39 -2.91 2.42
CA HIS A 28 -5.77 -3.61 3.65
C HIS A 28 -6.35 -2.64 4.66
N PHE A 29 -5.48 -1.86 5.30
CA PHE A 29 -5.91 -0.89 6.30
C PHE A 29 -6.70 0.23 5.65
N PRO A 30 -7.68 0.76 6.39
CA PRO A 30 -8.54 1.85 5.92
C PRO A 30 -7.79 3.18 5.80
N CYS A 31 -7.20 3.42 4.64
CA CYS A 31 -6.46 4.65 4.40
C CYS A 31 -7.39 5.80 4.05
N PRO A 32 -6.89 7.04 4.19
CA PRO A 32 -7.67 8.24 3.90
C PRO A 32 -7.91 8.42 2.40
N GLY A 33 -9.14 8.74 2.04
CA GLY A 33 -9.48 8.94 0.64
C GLY A 33 -9.17 7.71 -0.21
N TYR A 34 -9.09 7.91 -1.51
CA TYR A 34 -8.80 6.82 -2.43
C TYR A 34 -7.30 6.54 -2.50
N LEU A 35 -6.71 6.27 -1.34
CA LEU A 35 -5.28 5.99 -1.26
C LEU A 35 -4.99 4.54 -1.66
N LYS A 36 -3.78 4.30 -2.15
CA LYS A 36 -3.38 2.96 -2.57
C LYS A 36 -2.11 2.51 -1.82
N CYS A 37 -2.16 1.32 -1.23
CA CYS A 37 -1.03 0.78 -0.50
C CYS A 37 -0.26 -0.22 -1.35
N CYS A 38 1.06 -0.23 -1.19
CA CYS A 38 1.91 -1.14 -1.94
C CYS A 38 2.59 -2.15 -1.01
N CYS A 39 2.64 -3.41 -1.45
CA CYS A 39 3.25 -4.47 -0.65
C CYS A 39 4.76 -4.56 -0.94
N TYR A 40 5.55 -4.38 0.11
CA TYR A 40 7.01 -4.45 -0.02
C TYR A 40 7.47 -5.88 -0.24
N PRO A 41 8.68 -6.03 -0.78
CA PRO A 41 9.27 -7.36 -1.05
C PRO A 41 9.66 -8.07 0.24
N PCA A 1 -5.94 -15.20 9.40
CA PCA A 1 -6.12 -13.76 9.54
CB PCA A 1 -5.75 -13.56 11.02
CG PCA A 1 -6.39 -14.84 11.62
CD PCA A 1 -6.08 -15.84 10.52
OE PCA A 1 -5.97 -17.04 10.67
C PCA A 1 -5.26 -13.10 8.47
O PCA A 1 -4.19 -13.56 8.09
H PCA A 1 -5.73 -15.59 8.53
HA PCA A 1 -7.13 -13.45 9.37
HB2 PCA A 1 -4.69 -13.55 11.18
HB3 PCA A 1 -6.21 -12.67 11.42
HG2 PCA A 1 -5.91 -15.14 12.54
HG3 PCA A 1 -7.45 -14.75 11.74
N SER A 2 -5.79 -11.99 7.99
CA SER A 2 -5.12 -11.21 6.95
C SER A 2 -4.12 -10.22 7.56
N GLU A 3 -3.08 -9.89 6.81
CA GLU A 3 -2.07 -8.96 7.28
C GLU A 3 -2.59 -7.54 7.29
N PHE A 4 -1.71 -6.58 7.56
CA PHE A 4 -2.09 -5.18 7.61
C PHE A 4 -1.10 -4.32 6.83
N CYS A 5 -1.59 -3.25 6.20
CA CYS A 5 -0.75 -2.35 5.43
C CYS A 5 -0.29 -1.18 6.27
N GLY A 6 1.00 -1.14 6.59
CA GLY A 6 1.54 -0.06 7.39
C GLY A 6 2.92 0.37 6.93
N HIS A 7 3.94 -0.37 7.34
CA HIS A 7 5.31 -0.06 6.98
C HIS A 7 6.06 -1.33 6.59
N ASP A 8 6.13 -2.28 7.51
CA ASP A 8 6.82 -3.55 7.26
C ASP A 8 6.20 -4.28 6.08
N VAL A 9 5.02 -4.86 6.31
CA VAL A 9 4.32 -5.60 5.27
C VAL A 9 4.19 -4.76 4.00
N GLY A 10 3.80 -3.51 4.16
CA GLY A 10 3.64 -2.63 3.02
C GLY A 10 3.58 -1.16 3.42
N GLU A 11 3.24 -0.31 2.47
CA GLU A 11 3.14 1.13 2.73
C GLU A 11 2.02 1.76 1.90
N CYS A 12 1.40 2.79 2.46
CA CYS A 12 0.31 3.48 1.79
C CYS A 12 0.82 4.75 1.09
N VAL A 13 0.24 5.04 -0.07
CA VAL A 13 0.63 6.23 -0.83
C VAL A 13 -0.53 6.76 -1.66
N PRO A 14 -0.45 8.04 -2.04
CA PRO A 14 -1.49 8.69 -2.84
C PRO A 14 -1.55 8.17 -4.26
N PRO A 15 -2.72 8.31 -4.91
CA PRO A 15 -2.93 7.87 -6.28
C PRO A 15 -2.15 8.70 -7.30
N LYS A 16 -2.02 9.99 -7.01
CA LYS A 16 -1.30 10.90 -7.89
C LYS A 16 0.14 10.46 -8.08
N LEU A 17 0.71 9.85 -7.04
CA LEU A 17 2.08 9.38 -7.09
C LEU A 17 2.13 7.86 -7.26
N VAL A 18 2.82 7.41 -8.30
CA VAL A 18 2.95 5.99 -8.58
C VAL A 18 4.10 5.37 -7.79
N CYS A 19 3.96 4.10 -7.43
CA CYS A 19 4.98 3.40 -6.67
C CYS A 19 6.28 3.31 -7.47
N ARG A 20 7.31 4.02 -7.02
CA ARG A 20 8.60 4.03 -7.69
C ARG A 20 9.17 2.62 -7.77
N PRO A 21 9.34 1.98 -6.59
CA PRO A 21 9.88 0.62 -6.50
C PRO A 21 8.92 -0.43 -7.03
N PRO A 22 9.45 -1.61 -7.36
CA PRO A 22 8.65 -2.72 -7.88
C PRO A 22 7.72 -3.32 -6.84
N THR A 23 6.73 -2.53 -6.43
CA THR A 23 5.76 -2.98 -5.43
C THR A 23 4.47 -3.46 -6.08
N HIS A 24 3.78 -4.39 -5.43
CA HIS A 24 2.53 -4.93 -5.95
C HIS A 24 1.34 -4.27 -5.27
N GLU A 25 0.35 -3.87 -6.06
CA GLU A 25 -0.85 -3.23 -5.53
C GLU A 25 -1.65 -4.20 -4.68
N CYS A 26 -1.76 -3.88 -3.39
CA CYS A 26 -2.49 -4.73 -2.45
C CYS A 26 -3.46 -3.89 -1.61
N LEU A 27 -4.48 -4.53 -1.08
CA LEU A 27 -5.48 -3.85 -0.26
C LEU A 27 -5.67 -4.57 1.07
N HIS A 28 -5.08 -4.02 2.13
CA HIS A 28 -5.18 -4.61 3.46
C HIS A 28 -6.22 -3.87 4.30
N PHE A 29 -5.84 -2.70 4.80
CA PHE A 29 -6.74 -1.89 5.62
C PHE A 29 -7.28 -0.71 4.82
N PRO A 30 -8.45 -0.19 5.25
CA PRO A 30 -9.11 0.93 4.59
C PRO A 30 -8.34 2.25 4.79
N CYS A 31 -7.34 2.46 3.96
CA CYS A 31 -6.53 3.66 4.04
C CYS A 31 -7.40 4.92 3.96
N PRO A 32 -6.85 6.05 4.39
CA PRO A 32 -7.56 7.33 4.39
C PRO A 32 -7.77 7.87 2.97
N GLY A 33 -9.02 8.21 2.65
CA GLY A 33 -9.33 8.73 1.33
C GLY A 33 -9.00 7.73 0.23
N TYR A 34 -8.92 8.23 -1.00
CA TYR A 34 -8.61 7.38 -2.15
C TYR A 34 -7.11 7.08 -2.22
N LEU A 35 -6.60 6.46 -1.16
CA LEU A 35 -5.18 6.11 -1.09
C LEU A 35 -4.95 4.70 -1.65
N LYS A 36 -3.70 4.41 -1.98
CA LYS A 36 -3.34 3.10 -2.52
C LYS A 36 -2.18 2.49 -1.74
N CYS A 37 -2.30 1.21 -1.41
CA CYS A 37 -1.27 0.51 -0.65
C CYS A 37 -0.40 -0.33 -1.59
N CYS A 38 0.90 -0.35 -1.32
CA CYS A 38 1.84 -1.11 -2.13
C CYS A 38 2.49 -2.21 -1.31
N CYS A 39 2.85 -3.32 -1.97
CA CYS A 39 3.48 -4.44 -1.30
C CYS A 39 4.98 -4.46 -1.58
N TYR A 40 5.78 -4.31 -0.53
CA TYR A 40 7.23 -4.31 -0.67
C TYR A 40 7.73 -5.67 -1.13
N PRO A 41 8.96 -5.69 -1.69
CA PRO A 41 9.57 -6.91 -2.19
C PRO A 41 9.98 -7.86 -1.06
N PCA A 1 -2.88 -17.30 6.18
CA PCA A 1 -2.16 -16.60 5.11
CB PCA A 1 -2.11 -17.69 4.03
CG PCA A 1 -1.87 -18.93 4.93
CD PCA A 1 -2.75 -18.59 6.12
OE PCA A 1 -3.24 -19.39 6.87
C PCA A 1 -2.94 -15.32 4.84
O PCA A 1 -3.80 -15.22 3.96
H PCA A 1 -3.40 -16.81 6.83
HA PCA A 1 -1.18 -16.32 5.40
HB2 PCA A 1 -3.03 -17.78 3.49
HB3 PCA A 1 -1.28 -17.52 3.35
HG2 PCA A 1 -2.20 -19.84 4.46
HG3 PCA A 1 -0.84 -19.01 5.24
N SER A 2 -2.61 -14.32 5.64
CA SER A 2 -3.23 -13.01 5.54
C SER A 2 -2.21 -11.89 5.67
N GLU A 3 -2.50 -10.75 5.07
CA GLU A 3 -1.60 -9.60 5.12
C GLU A 3 -2.39 -8.29 5.19
N PHE A 4 -1.82 -7.31 5.89
CA PHE A 4 -2.47 -6.01 6.03
C PHE A 4 -1.49 -4.88 5.72
N CYS A 5 -2.03 -3.78 5.21
CA CYS A 5 -1.20 -2.61 4.87
C CYS A 5 -0.89 -1.79 6.11
N GLY A 6 0.39 -1.74 6.46
CA GLY A 6 0.81 -0.97 7.62
C GLY A 6 1.97 -0.05 7.34
N HIS A 7 2.97 -0.06 8.21
CA HIS A 7 4.15 0.78 8.05
C HIS A 7 5.36 -0.06 7.65
N ASP A 8 5.52 -1.20 8.31
CA ASP A 8 6.64 -2.09 8.03
C ASP A 8 6.32 -3.04 6.88
N VAL A 9 5.16 -3.70 6.96
CA VAL A 9 4.74 -4.62 5.91
C VAL A 9 4.55 -3.90 4.58
N GLY A 10 4.07 -2.67 4.64
CA GLY A 10 3.86 -1.89 3.44
C GLY A 10 3.78 -0.40 3.71
N GLU A 11 3.42 0.37 2.68
CA GLU A 11 3.31 1.82 2.81
C GLU A 11 2.16 2.35 1.98
N CYS A 12 1.57 3.45 2.43
CA CYS A 12 0.45 4.06 1.73
C CYS A 12 0.92 5.26 0.89
N VAL A 13 0.39 5.36 -0.32
CA VAL A 13 0.75 6.45 -1.21
C VAL A 13 -0.45 6.89 -2.06
N PRO A 14 -0.38 8.12 -2.58
CA PRO A 14 -1.45 8.69 -3.41
C PRO A 14 -1.54 8.01 -4.78
N PRO A 15 -2.69 8.18 -5.44
CA PRO A 15 -2.93 7.58 -6.76
C PRO A 15 -2.09 8.24 -7.85
N LYS A 16 -1.85 9.55 -7.71
CA LYS A 16 -1.06 10.30 -8.67
C LYS A 16 0.36 9.74 -8.77
N LEU A 17 0.85 9.24 -7.65
CA LEU A 17 2.20 8.69 -7.59
C LEU A 17 2.17 7.16 -7.62
N VAL A 18 2.48 6.58 -8.78
CA VAL A 18 2.48 5.13 -8.94
C VAL A 18 3.63 4.50 -8.16
N CYS A 19 3.41 3.28 -7.69
CA CYS A 19 4.42 2.55 -6.93
C CYS A 19 5.69 2.38 -7.74
N ARG A 20 6.74 3.10 -7.34
CA ARG A 20 8.02 3.02 -8.04
C ARG A 20 8.63 1.63 -7.92
N PRO A 21 8.89 1.20 -6.69
CA PRO A 21 9.47 -0.12 -6.41
C PRO A 21 8.50 -1.25 -6.71
N PRO A 22 9.03 -2.49 -6.80
CA PRO A 22 8.23 -3.68 -7.08
C PRO A 22 7.32 -4.05 -5.92
N THR A 23 6.34 -3.21 -5.64
CA THR A 23 5.41 -3.46 -4.55
C THR A 23 4.08 -3.99 -5.07
N HIS A 24 3.55 -5.00 -4.39
CA HIS A 24 2.28 -5.60 -4.79
C HIS A 24 1.10 -4.79 -4.27
N GLU A 25 0.30 -4.24 -5.18
CA GLU A 25 -0.86 -3.45 -4.81
C GLU A 25 -1.80 -4.23 -3.90
N CYS A 26 -1.85 -3.86 -2.64
CA CYS A 26 -2.71 -4.53 -1.67
C CYS A 26 -3.49 -3.52 -0.84
N LEU A 27 -4.81 -3.64 -0.87
CA LEU A 27 -5.67 -2.73 -0.11
C LEU A 27 -6.41 -3.48 1.00
N HIS A 28 -5.94 -3.30 2.22
CA HIS A 28 -6.54 -3.95 3.37
C HIS A 28 -6.82 -2.95 4.50
N PHE A 29 -5.85 -2.08 4.75
CA PHE A 29 -5.98 -1.06 5.79
C PHE A 29 -6.68 0.18 5.25
N PRO A 30 -7.65 0.71 6.01
CA PRO A 30 -8.41 1.90 5.62
C PRO A 30 -7.55 3.16 5.67
N CYS A 31 -7.05 3.58 4.52
CA CYS A 31 -6.22 4.78 4.44
C CYS A 31 -7.08 6.03 4.25
N PRO A 32 -6.51 7.19 4.55
CA PRO A 32 -7.20 8.48 4.42
C PRO A 32 -7.43 8.86 2.96
N GLY A 33 -8.65 9.29 2.65
CA GLY A 33 -8.99 9.68 1.30
C GLY A 33 -8.73 8.56 0.30
N TYR A 34 -8.74 8.92 -0.99
CA TYR A 34 -8.50 7.95 -2.05
C TYR A 34 -7.03 7.60 -2.16
N LEU A 35 -6.49 6.98 -1.11
CA LEU A 35 -5.08 6.59 -1.09
C LEU A 35 -4.92 5.12 -1.45
N LYS A 36 -3.78 4.78 -2.04
CA LYS A 36 -3.48 3.41 -2.42
C LYS A 36 -2.41 2.79 -1.52
N CYS A 37 -2.51 1.49 -1.30
CA CYS A 37 -1.54 0.78 -0.45
C CYS A 37 -0.72 -0.19 -1.28
N CYS A 38 0.59 -0.21 -1.03
CA CYS A 38 1.49 -1.09 -1.75
C CYS A 38 2.26 -2.00 -0.79
N CYS A 39 2.26 -3.30 -1.06
CA CYS A 39 2.96 -4.26 -0.22
C CYS A 39 4.44 -4.32 -0.57
N TYR A 40 5.29 -4.15 0.44
CA TYR A 40 6.73 -4.19 0.23
C TYR A 40 7.21 -5.62 0.00
N PRO A 41 8.41 -5.75 -0.59
CA PRO A 41 9.00 -7.05 -0.89
C PRO A 41 9.44 -7.78 0.38
N PCA A 1 -6.44 -15.58 4.72
CA PCA A 1 -5.10 -15.08 4.49
CB PCA A 1 -4.95 -15.36 2.98
CG PCA A 1 -5.68 -16.73 2.89
CD PCA A 1 -6.82 -16.49 3.88
OE PCA A 1 -7.89 -17.05 3.86
C PCA A 1 -5.06 -13.65 4.97
O PCA A 1 -4.90 -12.68 4.24
H PCA A 1 -6.97 -15.23 5.46
HA PCA A 1 -4.36 -15.63 5.02
HB2 PCA A 1 -5.45 -14.62 2.37
HB3 PCA A 1 -3.91 -15.45 2.69
HG2 PCA A 1 -6.08 -16.92 1.91
HG3 PCA A 1 -5.07 -17.53 3.23
N SER A 2 -5.24 -13.54 6.29
CA SER A 2 -5.25 -12.24 6.95
C SER A 2 -3.96 -11.48 6.67
N GLU A 3 -4.07 -10.16 6.58
CA GLU A 3 -2.91 -9.31 6.31
C GLU A 3 -3.24 -7.84 6.59
N PHE A 4 -2.23 -7.10 7.04
CA PHE A 4 -2.41 -5.68 7.34
C PHE A 4 -1.29 -4.85 6.71
N CYS A 5 -1.64 -3.64 6.30
CA CYS A 5 -0.67 -2.74 5.67
C CYS A 5 -0.35 -1.56 6.59
N GLY A 6 0.85 -1.58 7.18
CA GLY A 6 1.26 -0.52 8.08
C GLY A 6 2.37 0.33 7.50
N HIS A 7 3.61 -0.13 7.69
CA HIS A 7 4.77 0.59 7.19
C HIS A 7 5.78 -0.38 6.57
N ASP A 8 6.07 -1.46 7.29
CA ASP A 8 7.02 -2.46 6.81
C ASP A 8 6.42 -3.27 5.67
N VAL A 9 5.30 -3.93 5.95
CA VAL A 9 4.63 -4.75 4.94
C VAL A 9 4.33 -3.94 3.69
N GLY A 10 3.84 -2.71 3.89
CA GLY A 10 3.52 -1.86 2.75
C GLY A 10 3.40 -0.40 3.16
N GLU A 11 3.40 0.49 2.16
CA GLU A 11 3.29 1.92 2.42
C GLU A 11 2.02 2.49 1.80
N CYS A 12 1.36 3.39 2.54
CA CYS A 12 0.13 4.01 2.06
C CYS A 12 0.44 5.27 1.25
N VAL A 13 0.18 5.21 -0.05
CA VAL A 13 0.43 6.34 -0.94
C VAL A 13 -0.78 6.62 -1.83
N PRO A 14 -0.85 7.84 -2.36
CA PRO A 14 -1.94 8.26 -3.24
C PRO A 14 -1.90 7.57 -4.59
N PRO A 15 -3.03 7.61 -5.32
CA PRO A 15 -3.14 6.99 -6.65
C PRO A 15 -2.32 7.73 -7.70
N LYS A 16 -2.19 9.04 -7.53
CA LYS A 16 -1.43 9.86 -8.46
C LYS A 16 0.04 9.46 -8.47
N LEU A 17 0.54 9.01 -7.32
CA LEU A 17 1.92 8.59 -7.19
C LEU A 17 2.08 7.11 -7.49
N VAL A 18 2.71 6.81 -8.62
CA VAL A 18 2.92 5.41 -9.02
C VAL A 18 4.06 4.79 -8.23
N CYS A 19 3.84 3.57 -7.75
CA CYS A 19 4.85 2.85 -6.98
C CYS A 19 6.16 2.76 -7.76
N ARG A 20 7.17 3.49 -7.30
CA ARG A 20 8.48 3.48 -7.94
C ARG A 20 9.11 2.10 -7.88
N PRO A 21 9.34 1.60 -6.65
CA PRO A 21 9.95 0.29 -6.42
C PRO A 21 9.02 -0.85 -6.81
N PRO A 22 9.58 -2.06 -6.95
CA PRO A 22 8.82 -3.25 -7.32
C PRO A 22 7.88 -3.71 -6.21
N THR A 23 6.87 -2.90 -5.92
CA THR A 23 5.90 -3.21 -4.88
C THR A 23 4.55 -3.61 -5.48
N HIS A 24 3.85 -4.50 -4.79
CA HIS A 24 2.54 -4.96 -5.25
C HIS A 24 1.42 -4.06 -4.73
N GLU A 25 0.49 -3.70 -5.61
CA GLU A 25 -0.63 -2.85 -5.22
C GLU A 25 -1.64 -3.62 -4.38
N CYS A 26 -1.33 -3.76 -3.10
CA CYS A 26 -2.22 -4.49 -2.18
C CYS A 26 -2.40 -3.70 -0.89
N LEU A 27 -3.65 -3.38 -0.57
CA LEU A 27 -3.97 -2.64 0.64
C LEU A 27 -4.79 -3.48 1.60
N HIS A 28 -4.69 -3.17 2.89
CA HIS A 28 -5.43 -3.91 3.92
C HIS A 28 -6.04 -2.95 4.93
N PHE A 29 -5.28 -1.92 5.31
CA PHE A 29 -5.75 -0.94 6.28
C PHE A 29 -6.56 0.16 5.59
N PRO A 30 -7.69 0.54 6.21
CA PRO A 30 -8.57 1.58 5.69
C PRO A 30 -7.95 2.96 5.76
N CYS A 31 -7.13 3.29 4.75
CA CYS A 31 -6.46 4.59 4.70
C CYS A 31 -7.46 5.69 4.36
N PRO A 32 -7.08 6.95 4.67
CA PRO A 32 -7.92 8.11 4.40
C PRO A 32 -8.05 8.41 2.91
N GLY A 33 -9.28 8.49 2.43
CA GLY A 33 -9.51 8.77 1.03
C GLY A 33 -9.18 7.59 0.13
N TYR A 34 -9.18 7.82 -1.18
CA TYR A 34 -8.88 6.77 -2.14
C TYR A 34 -7.38 6.52 -2.22
N LEU A 35 -6.79 6.12 -1.10
CA LEU A 35 -5.36 5.84 -1.05
C LEU A 35 -5.06 4.39 -1.44
N LYS A 36 -3.81 4.13 -1.79
CA LYS A 36 -3.39 2.78 -2.19
C LYS A 36 -2.17 2.34 -1.39
N CYS A 37 -2.15 1.06 -1.02
CA CYS A 37 -1.04 0.50 -0.26
C CYS A 37 -0.21 -0.43 -1.12
N CYS A 38 1.09 -0.15 -1.22
CA CYS A 38 2.00 -0.96 -2.01
C CYS A 38 2.87 -1.84 -1.11
N CYS A 39 2.65 -3.14 -1.16
CA CYS A 39 3.41 -4.09 -0.35
C CYS A 39 4.85 -4.18 -0.84
N TYR A 40 5.79 -4.29 0.09
CA TYR A 40 7.20 -4.39 -0.24
C TYR A 40 7.58 -5.82 -0.61
N PRO A 41 8.69 -5.97 -1.33
CA PRO A 41 9.19 -7.29 -1.75
C PRO A 41 9.71 -8.11 -0.58
N PCA A 1 -3.55 -15.68 8.82
CA PCA A 1 -4.63 -15.04 8.09
CB PCA A 1 -5.58 -14.68 9.23
CG PCA A 1 -5.42 -15.94 10.12
CD PCA A 1 -3.92 -16.20 9.95
OE PCA A 1 -3.22 -16.78 10.74
C PCA A 1 -4.00 -13.93 7.27
O PCA A 1 -2.82 -13.91 6.95
H PCA A 1 -2.64 -15.70 8.46
HA PCA A 1 -5.11 -15.71 7.41
HB2 PCA A 1 -5.28 -13.80 9.77
HB3 PCA A 1 -6.61 -14.58 8.89
HG2 PCA A 1 -5.64 -15.75 11.16
HG3 PCA A 1 -5.99 -16.77 9.76
N SER A 2 -4.86 -12.98 6.94
CA SER A 2 -4.46 -11.81 6.16
C SER A 2 -3.54 -10.90 6.97
N GLU A 3 -2.73 -10.11 6.27
CA GLU A 3 -1.81 -9.19 6.92
C GLU A 3 -2.38 -7.78 6.95
N PHE A 4 -1.57 -6.83 7.43
CA PHE A 4 -1.99 -5.44 7.50
C PHE A 4 -1.05 -4.54 6.69
N CYS A 5 -1.59 -3.44 6.17
CA CYS A 5 -0.80 -2.50 5.38
C CYS A 5 -0.40 -1.29 6.22
N GLY A 6 0.91 -1.14 6.44
CA GLY A 6 1.40 -0.02 7.22
C GLY A 6 2.90 -0.05 7.39
N HIS A 7 3.38 -1.00 8.18
CA HIS A 7 4.82 -1.13 8.43
C HIS A 7 5.57 -1.43 7.13
N ASP A 8 6.82 -1.84 7.26
CA ASP A 8 7.64 -2.16 6.11
C ASP A 8 6.90 -3.08 5.14
N VAL A 9 6.04 -3.94 5.70
CA VAL A 9 5.26 -4.87 4.88
C VAL A 9 4.56 -4.16 3.74
N GLY A 10 3.97 -3.00 4.03
CA GLY A 10 3.28 -2.24 3.02
C GLY A 10 3.22 -0.76 3.34
N GLU A 11 3.27 0.08 2.30
CA GLU A 11 3.22 1.51 2.49
C GLU A 11 1.99 2.12 1.80
N CYS A 12 1.50 3.22 2.34
CA CYS A 12 0.33 3.89 1.79
C CYS A 12 0.74 5.15 1.03
N VAL A 13 0.33 5.23 -0.24
CA VAL A 13 0.65 6.38 -1.06
C VAL A 13 -0.56 6.81 -1.89
N PRO A 14 -0.54 8.07 -2.35
CA PRO A 14 -1.63 8.65 -3.15
C PRO A 14 -1.70 8.03 -4.55
N PRO A 15 -2.83 8.24 -5.23
CA PRO A 15 -3.03 7.72 -6.59
C PRO A 15 -2.17 8.43 -7.62
N LYS A 16 -1.90 9.71 -7.39
CA LYS A 16 -1.08 10.50 -8.30
C LYS A 16 0.37 10.01 -8.29
N LEU A 17 0.81 9.51 -7.14
CA LEU A 17 2.18 9.00 -7.01
C LEU A 17 2.20 7.47 -7.07
N VAL A 18 2.60 6.94 -8.21
CA VAL A 18 2.68 5.50 -8.39
C VAL A 18 3.78 4.89 -7.53
N CYS A 19 3.57 3.64 -7.12
CA CYS A 19 4.56 2.94 -6.29
C CYS A 19 5.94 3.01 -6.92
N ARG A 20 6.83 3.77 -6.30
CA ARG A 20 8.20 3.91 -6.80
C ARG A 20 8.89 2.56 -6.89
N PRO A 21 9.02 1.89 -5.73
CA PRO A 21 9.66 0.57 -5.65
C PRO A 21 8.84 -0.53 -6.30
N PRO A 22 9.47 -1.68 -6.56
CA PRO A 22 8.81 -2.83 -7.18
C PRO A 22 7.80 -3.48 -6.26
N THR A 23 6.72 -2.76 -5.96
CA THR A 23 5.68 -3.28 -5.08
C THR A 23 4.39 -3.55 -5.85
N HIS A 24 3.60 -4.50 -5.36
CA HIS A 24 2.34 -4.87 -6.00
C HIS A 24 1.18 -4.13 -5.36
N GLU A 25 0.28 -3.62 -6.19
CA GLU A 25 -0.89 -2.88 -5.70
C GLU A 25 -1.83 -3.81 -4.93
N CYS A 26 -1.86 -3.64 -3.60
CA CYS A 26 -2.70 -4.46 -2.75
C CYS A 26 -3.48 -3.60 -1.76
N LEU A 27 -4.60 -4.12 -1.27
CA LEU A 27 -5.44 -3.40 -0.32
C LEU A 27 -5.67 -4.23 0.94
N HIS A 28 -5.12 -3.76 2.05
CA HIS A 28 -5.27 -4.46 3.33
C HIS A 28 -5.88 -3.54 4.38
N PHE A 29 -5.24 -2.39 4.59
CA PHE A 29 -5.72 -1.43 5.57
C PHE A 29 -6.45 -0.28 4.90
N PRO A 30 -7.64 0.07 5.43
CA PRO A 30 -8.45 1.16 4.88
C PRO A 30 -7.83 2.53 5.12
N CYS A 31 -7.05 2.99 4.15
CA CYS A 31 -6.39 4.28 4.25
C CYS A 31 -7.38 5.42 4.00
N PRO A 32 -7.02 6.63 4.46
CA PRO A 32 -7.87 7.82 4.30
C PRO A 32 -7.96 8.28 2.85
N GLY A 33 -9.15 8.71 2.44
CA GLY A 33 -9.35 9.17 1.07
C GLY A 33 -9.04 8.09 0.06
N TYR A 34 -8.99 8.48 -1.22
CA TYR A 34 -8.69 7.54 -2.30
C TYR A 34 -7.20 7.24 -2.36
N LEU A 35 -6.67 6.69 -1.27
CA LEU A 35 -5.25 6.35 -1.20
C LEU A 35 -5.03 4.90 -1.63
N LYS A 36 -3.82 4.61 -2.09
CA LYS A 36 -3.47 3.27 -2.54
C LYS A 36 -2.36 2.68 -1.67
N CYS A 37 -2.39 1.37 -1.49
CA CYS A 37 -1.39 0.68 -0.67
C CYS A 37 -0.52 -0.23 -1.54
N CYS A 38 0.78 -0.14 -1.34
CA CYS A 38 1.72 -0.96 -2.10
C CYS A 38 2.30 -2.08 -1.24
N CYS A 39 2.19 -3.31 -1.71
CA CYS A 39 2.70 -4.47 -0.97
C CYS A 39 4.18 -4.70 -1.30
N TYR A 40 4.98 -4.85 -0.26
CA TYR A 40 6.41 -5.09 -0.43
C TYR A 40 6.71 -6.58 -0.51
N PRO A 41 7.87 -6.92 -1.09
CA PRO A 41 8.30 -8.32 -1.25
C PRO A 41 8.68 -8.95 0.09
N PCA A 1 -1.61 -16.42 3.67
CA PCA A 1 -0.86 -15.60 4.62
CB PCA A 1 0.49 -15.47 3.90
CG PCA A 1 0.60 -16.90 3.30
CD PCA A 1 -0.85 -17.16 2.92
OE PCA A 1 -1.22 -17.91 2.06
C PCA A 1 -1.69 -14.36 4.87
O PCA A 1 -2.45 -13.86 4.03
H PCA A 1 -2.58 -16.38 3.63
HA PCA A 1 -0.73 -16.10 5.56
HB2 PCA A 1 0.47 -14.73 3.12
HB3 PCA A 1 1.30 -15.27 4.60
HG2 PCA A 1 1.24 -16.93 2.43
HG3 PCA A 1 0.92 -17.63 4.03
N SER A 2 -1.51 -13.84 6.07
CA SER A 2 -2.22 -12.64 6.51
C SER A 2 -1.46 -11.38 6.09
N GLU A 3 -1.96 -10.72 5.03
CA GLU A 3 -1.33 -9.51 4.53
C GLU A 3 -2.13 -8.28 4.92
N PHE A 4 -1.53 -7.40 5.71
CA PHE A 4 -2.19 -6.18 6.16
C PHE A 4 -1.27 -4.97 6.00
N CYS A 5 -1.87 -3.81 5.76
CA CYS A 5 -1.09 -2.59 5.59
C CYS A 5 -0.86 -1.89 6.94
N GLY A 6 0.40 -1.76 7.31
CA GLY A 6 0.73 -1.11 8.58
C GLY A 6 1.76 -0.03 8.42
N HIS A 7 2.97 -0.28 8.92
CA HIS A 7 4.05 0.70 8.83
C HIS A 7 5.26 0.10 8.13
N ASP A 8 5.62 -1.11 8.53
CA ASP A 8 6.77 -1.80 7.94
C ASP A 8 6.33 -2.83 6.90
N VAL A 9 5.25 -3.55 7.22
CA VAL A 9 4.72 -4.56 6.32
C VAL A 9 4.40 -3.96 4.95
N GLY A 10 3.85 -2.75 4.97
CA GLY A 10 3.49 -2.09 3.72
C GLY A 10 3.51 -0.57 3.85
N GLU A 11 3.33 0.11 2.73
CA GLU A 11 3.33 1.57 2.71
C GLU A 11 2.16 2.11 1.90
N CYS A 12 1.62 3.25 2.32
CA CYS A 12 0.51 3.87 1.62
C CYS A 12 0.97 5.09 0.82
N VAL A 13 0.46 5.20 -0.41
CA VAL A 13 0.82 6.32 -1.27
C VAL A 13 -0.41 6.85 -2.01
N PRO A 14 -0.32 8.11 -2.47
CA PRO A 14 -1.41 8.77 -3.20
C PRO A 14 -1.62 8.16 -4.59
N PRO A 15 -2.82 8.37 -5.14
CA PRO A 15 -3.18 7.85 -6.48
C PRO A 15 -2.43 8.58 -7.60
N LYS A 16 -2.13 9.85 -7.37
CA LYS A 16 -1.42 10.65 -8.36
C LYS A 16 -0.04 10.06 -8.65
N LEU A 17 0.56 9.44 -7.63
CA LEU A 17 1.88 8.84 -7.77
C LEU A 17 1.78 7.32 -7.84
N VAL A 18 2.78 6.70 -8.48
CA VAL A 18 2.79 5.25 -8.61
C VAL A 18 3.96 4.64 -7.83
N CYS A 19 3.76 3.41 -7.35
CA CYS A 19 4.79 2.72 -6.59
C CYS A 19 6.04 2.50 -7.44
N ARG A 20 7.14 3.13 -7.05
CA ARG A 20 8.40 3.00 -7.77
C ARG A 20 8.87 1.55 -7.79
N PRO A 21 9.11 0.99 -6.59
CA PRO A 21 9.56 -0.39 -6.44
C PRO A 21 8.49 -1.41 -6.81
N PRO A 22 8.91 -2.65 -7.07
CA PRO A 22 8.00 -3.73 -7.43
C PRO A 22 7.10 -4.16 -6.28
N THR A 23 6.20 -3.28 -5.87
CA THR A 23 5.28 -3.56 -4.78
C THR A 23 3.93 -4.03 -5.29
N HIS A 24 3.32 -4.97 -4.58
CA HIS A 24 2.02 -5.50 -4.96
C HIS A 24 0.89 -4.55 -4.55
N GLU A 25 0.15 -4.05 -5.53
CA GLU A 25 -0.94 -3.14 -5.26
C GLU A 25 -2.06 -3.83 -4.48
N CYS A 26 -2.07 -3.61 -3.17
CA CYS A 26 -3.08 -4.21 -2.30
C CYS A 26 -3.84 -3.15 -1.53
N LEU A 27 -5.11 -3.43 -1.23
CA LEU A 27 -5.95 -2.49 -0.50
C LEU A 27 -6.57 -3.16 0.73
N HIS A 28 -6.01 -2.87 1.90
CA HIS A 28 -6.50 -3.44 3.15
C HIS A 28 -6.77 -2.34 4.18
N PHE A 29 -5.69 -1.78 4.73
CA PHE A 29 -5.82 -0.73 5.73
C PHE A 29 -6.60 0.46 5.17
N PRO A 30 -7.56 0.95 5.96
CA PRO A 30 -8.40 2.09 5.58
C PRO A 30 -7.62 3.41 5.53
N CYS A 31 -6.90 3.62 4.45
CA CYS A 31 -6.10 4.83 4.27
C CYS A 31 -7.00 6.04 4.02
N PRO A 32 -6.46 7.24 4.25
CA PRO A 32 -7.19 8.49 4.05
C PRO A 32 -7.46 8.79 2.58
N GLY A 33 -8.70 9.15 2.27
CA GLY A 33 -9.06 9.45 0.89
C GLY A 33 -8.83 8.27 -0.04
N TYR A 34 -8.73 8.56 -1.33
CA TYR A 34 -8.51 7.51 -2.33
C TYR A 34 -7.03 7.15 -2.42
N LEU A 35 -6.44 6.78 -1.28
CA LEU A 35 -5.03 6.40 -1.25
C LEU A 35 -4.84 4.94 -1.64
N LYS A 36 -3.67 4.63 -2.18
CA LYS A 36 -3.36 3.27 -2.61
C LYS A 36 -2.29 2.65 -1.72
N CYS A 37 -2.50 1.40 -1.34
CA CYS A 37 -1.56 0.68 -0.48
C CYS A 37 -0.70 -0.27 -1.30
N CYS A 38 0.58 -0.36 -0.94
CA CYS A 38 1.51 -1.23 -1.63
C CYS A 38 2.12 -2.26 -0.67
N CYS A 39 1.93 -3.54 -1.00
CA CYS A 39 2.46 -4.61 -0.17
C CYS A 39 3.92 -4.88 -0.48
N TYR A 40 4.77 -4.75 0.53
CA TYR A 40 6.21 -4.99 0.35
C TYR A 40 6.51 -6.47 0.17
N PRO A 41 7.68 -6.77 -0.41
CA PRO A 41 8.11 -8.15 -0.65
C PRO A 41 8.44 -8.89 0.64
N PCA A 1 -6.08 -13.20 5.17
CA PCA A 1 -4.74 -13.78 5.20
CB PCA A 1 -4.32 -13.59 3.73
CG PCA A 1 -5.66 -13.90 3.03
CD PCA A 1 -6.63 -13.24 4.01
OE PCA A 1 -7.73 -12.83 3.72
C PCA A 1 -3.97 -13.05 6.29
O PCA A 1 -4.48 -12.27 7.09
H PCA A 1 -6.47 -12.84 5.98
HA PCA A 1 -4.74 -14.82 5.44
HB2 PCA A 1 -4.00 -12.59 3.51
HB3 PCA A 1 -3.55 -14.30 3.44
HG2 PCA A 1 -5.74 -13.44 2.06
HG3 PCA A 1 -5.86 -14.95 2.97
N SER A 2 -2.67 -13.34 6.29
CA SER A 2 -1.77 -12.74 7.26
C SER A 2 -0.98 -11.60 6.64
N GLU A 3 -1.69 -10.69 5.98
CA GLU A 3 -1.06 -9.54 5.34
C GLU A 3 -1.83 -8.26 5.63
N PHE A 4 -1.15 -7.29 6.24
CA PHE A 4 -1.77 -6.02 6.57
C PHE A 4 -0.95 -4.85 6.02
N CYS A 5 -1.64 -3.75 5.70
CA CYS A 5 -0.98 -2.57 5.17
C CYS A 5 -0.72 -1.55 6.27
N GLY A 6 0.55 -1.17 6.42
CA GLY A 6 0.92 -0.21 7.44
C GLY A 6 2.18 0.57 7.10
N HIS A 7 3.32 -0.04 7.39
CA HIS A 7 4.61 0.60 7.09
C HIS A 7 5.59 -0.41 6.51
N ASP A 8 5.97 -1.38 7.32
CA ASP A 8 6.92 -2.41 6.88
C ASP A 8 6.29 -3.31 5.81
N VAL A 9 5.27 -4.06 6.22
CA VAL A 9 4.57 -4.96 5.30
C VAL A 9 4.13 -4.23 4.04
N GLY A 10 3.68 -2.99 4.21
CA GLY A 10 3.23 -2.20 3.08
C GLY A 10 3.18 -0.71 3.39
N GLU A 11 3.23 0.10 2.35
CA GLU A 11 3.18 1.56 2.52
C GLU A 11 2.03 2.16 1.72
N CYS A 12 1.40 3.18 2.30
CA CYS A 12 0.28 3.85 1.65
C CYS A 12 0.75 5.06 0.86
N VAL A 13 0.16 5.27 -0.31
CA VAL A 13 0.52 6.40 -1.17
C VAL A 13 -0.68 6.87 -1.99
N PRO A 14 -0.60 8.10 -2.51
CA PRO A 14 -1.65 8.69 -3.32
C PRO A 14 -1.77 8.03 -4.69
N PRO A 15 -2.94 8.20 -5.33
CA PRO A 15 -3.20 7.62 -6.65
C PRO A 15 -2.39 8.29 -7.75
N LYS A 16 -2.12 9.58 -7.57
CA LYS A 16 -1.34 10.33 -8.55
C LYS A 16 0.05 9.76 -8.71
N LEU A 17 0.59 9.19 -7.62
CA LEU A 17 1.92 8.60 -7.64
C LEU A 17 1.84 7.10 -7.85
N VAL A 18 2.92 6.52 -8.38
CA VAL A 18 2.97 5.08 -8.62
C VAL A 18 4.03 4.42 -7.76
N CYS A 19 3.80 3.16 -7.39
CA CYS A 19 4.74 2.42 -6.57
C CYS A 19 6.14 2.44 -7.18
N ARG A 20 7.05 3.16 -6.53
CA ARG A 20 8.42 3.27 -7.02
C ARG A 20 9.13 1.92 -6.93
N PRO A 21 9.23 1.39 -5.70
CA PRO A 21 9.89 0.10 -5.46
C PRO A 21 9.09 -1.08 -6.01
N PRO A 22 9.73 -2.25 -6.06
CA PRO A 22 9.09 -3.48 -6.57
C PRO A 22 8.00 -3.99 -5.64
N THR A 23 6.92 -3.23 -5.52
CA THR A 23 5.80 -3.60 -4.66
C THR A 23 4.54 -3.84 -5.48
N HIS A 24 3.56 -4.49 -4.87
CA HIS A 24 2.30 -4.78 -5.54
C HIS A 24 1.14 -4.07 -4.85
N GLU A 25 0.24 -3.51 -5.65
CA GLU A 25 -0.92 -2.79 -5.12
C GLU A 25 -1.74 -3.68 -4.21
N CYS A 26 -1.54 -3.55 -2.90
CA CYS A 26 -2.26 -4.35 -1.92
C CYS A 26 -3.04 -3.46 -0.96
N LEU A 27 -4.36 -3.49 -1.06
CA LEU A 27 -5.23 -2.69 -0.20
C LEU A 27 -5.90 -3.56 0.86
N HIS A 28 -5.37 -3.49 2.08
CA HIS A 28 -5.93 -4.26 3.19
C HIS A 28 -6.42 -3.35 4.30
N PHE A 29 -5.56 -2.41 4.71
CA PHE A 29 -5.90 -1.47 5.77
C PHE A 29 -6.62 -0.25 5.21
N PRO A 30 -7.65 0.23 5.93
CA PRO A 30 -8.44 1.39 5.51
C PRO A 30 -7.65 2.69 5.62
N CYS A 31 -7.17 3.18 4.48
CA CYS A 31 -6.39 4.41 4.44
C CYS A 31 -7.32 5.62 4.29
N PRO A 32 -6.79 6.80 4.65
CA PRO A 32 -7.54 8.06 4.56
C PRO A 32 -7.80 8.49 3.12
N GLY A 33 -9.05 8.84 2.83
CA GLY A 33 -9.40 9.26 1.49
C GLY A 33 -9.11 8.20 0.44
N TYR A 34 -9.13 8.59 -0.82
CA TYR A 34 -8.87 7.66 -1.92
C TYR A 34 -7.38 7.38 -2.05
N LEU A 35 -6.78 6.85 -0.99
CA LEU A 35 -5.36 6.52 -0.98
C LEU A 35 -5.13 5.05 -1.32
N LYS A 36 -4.02 4.76 -1.99
CA LYS A 36 -3.68 3.39 -2.36
C LYS A 36 -2.59 2.84 -1.46
N CYS A 37 -2.35 1.54 -1.55
CA CYS A 37 -1.33 0.88 -0.75
C CYS A 37 -0.58 -0.16 -1.56
N CYS A 38 0.73 -0.27 -1.31
CA CYS A 38 1.57 -1.22 -2.03
C CYS A 38 2.34 -2.10 -1.06
N CYS A 39 2.01 -3.39 -1.05
CA CYS A 39 2.67 -4.34 -0.17
C CYS A 39 4.09 -4.63 -0.64
N TYR A 40 5.02 -4.70 0.31
CA TYR A 40 6.42 -4.95 0.00
C TYR A 40 6.65 -6.43 -0.28
N PRO A 41 7.75 -6.74 -0.99
CA PRO A 41 8.11 -8.12 -1.33
C PRO A 41 8.55 -8.93 -0.11
N PCA A 1 0.15 -16.54 9.03
CA PCA A 1 0.54 -15.23 8.52
CB PCA A 1 1.58 -15.63 7.46
CG PCA A 1 2.27 -16.80 8.21
CD PCA A 1 1.07 -17.44 8.89
OE PCA A 1 1.00 -18.60 9.22
C PCA A 1 -0.73 -14.53 8.07
O PCA A 1 -1.72 -15.14 7.63
H PCA A 1 -0.72 -16.67 9.42
HA PCA A 1 1.00 -14.62 9.27
HB2 PCA A 1 1.14 -15.97 6.55
HB3 PCA A 1 2.28 -14.82 7.27
HG2 PCA A 1 2.74 -17.49 7.53
HG3 PCA A 1 2.97 -16.45 8.95
N SER A 2 -0.69 -13.21 8.19
CA SER A 2 -1.82 -12.38 7.82
C SER A 2 -1.41 -11.37 6.74
N GLU A 3 -2.36 -10.52 6.35
CA GLU A 3 -2.09 -9.50 5.33
C GLU A 3 -2.68 -8.16 5.74
N PHE A 4 -1.81 -7.26 6.21
CA PHE A 4 -2.25 -5.94 6.64
C PHE A 4 -1.34 -4.86 6.05
N CYS A 5 -1.96 -3.79 5.57
CA CYS A 5 -1.22 -2.68 4.98
C CYS A 5 -0.93 -1.60 6.02
N GLY A 6 0.33 -1.51 6.43
CA GLY A 6 0.72 -0.52 7.42
C GLY A 6 2.01 0.19 7.05
N HIS A 7 3.13 -0.46 7.32
CA HIS A 7 4.44 0.11 7.01
C HIS A 7 5.34 -0.91 6.34
N ASP A 8 5.78 -1.90 7.11
CA ASP A 8 6.65 -2.95 6.60
C ASP A 8 5.94 -3.77 5.52
N VAL A 9 4.81 -4.38 5.90
CA VAL A 9 4.04 -5.19 4.95
C VAL A 9 3.57 -4.36 3.77
N GLY A 10 3.06 -3.17 4.05
CA GLY A 10 2.59 -2.30 3.00
C GLY A 10 2.68 -0.83 3.37
N GLU A 11 2.40 0.04 2.40
CA GLU A 11 2.46 1.48 2.63
C GLU A 11 1.30 2.20 1.94
N CYS A 12 0.91 3.34 2.48
CA CYS A 12 -0.19 4.11 1.92
C CYS A 12 0.33 5.27 1.08
N VAL A 13 0.13 5.17 -0.24
CA VAL A 13 0.59 6.21 -1.16
C VAL A 13 -0.53 6.66 -2.07
N PRO A 14 -0.42 7.91 -2.58
CA PRO A 14 -1.43 8.49 -3.48
C PRO A 14 -1.44 7.81 -4.84
N PRO A 15 -2.61 7.82 -5.50
CA PRO A 15 -2.78 7.21 -6.83
C PRO A 15 -2.06 7.99 -7.91
N LYS A 16 -1.96 9.31 -7.74
CA LYS A 16 -1.29 10.16 -8.72
C LYS A 16 0.17 9.75 -8.89
N LEU A 17 0.77 9.25 -7.81
CA LEU A 17 2.16 8.81 -7.84
C LEU A 17 2.25 7.29 -7.86
N VAL A 18 3.36 6.78 -8.40
CA VAL A 18 3.57 5.34 -8.48
C VAL A 18 4.55 4.87 -7.39
N CYS A 19 4.36 3.64 -6.94
CA CYS A 19 5.22 3.07 -5.91
C CYS A 19 6.66 2.92 -6.41
N ARG A 20 7.57 3.69 -5.83
CA ARG A 20 8.98 3.64 -6.23
C ARG A 20 9.49 2.21 -6.23
N PRO A 21 9.45 1.56 -5.05
CA PRO A 21 9.91 0.18 -4.90
C PRO A 21 9.00 -0.82 -5.60
N PRO A 22 9.51 -2.04 -5.80
CA PRO A 22 8.76 -3.12 -6.46
C PRO A 22 7.61 -3.63 -5.61
N THR A 23 6.60 -2.78 -5.41
CA THR A 23 5.44 -3.14 -4.61
C THR A 23 4.17 -3.18 -5.47
N HIS A 24 3.37 -4.23 -5.29
CA HIS A 24 2.14 -4.37 -6.05
C HIS A 24 1.01 -3.55 -5.42
N GLU A 25 -0.06 -3.35 -6.18
CA GLU A 25 -1.20 -2.58 -5.69
C GLU A 25 -2.22 -3.49 -5.00
N CYS A 26 -2.35 -3.33 -3.69
CA CYS A 26 -3.28 -4.14 -2.92
C CYS A 26 -4.11 -3.27 -1.97
N LEU A 27 -5.27 -3.76 -1.58
CA LEU A 27 -6.15 -3.03 -0.68
C LEU A 27 -6.44 -3.84 0.58
N HIS A 28 -5.77 -3.48 1.67
CA HIS A 28 -5.95 -4.17 2.94
C HIS A 28 -6.65 -3.28 3.95
N PHE A 29 -5.92 -2.31 4.49
CA PHE A 29 -6.47 -1.37 5.47
C PHE A 29 -6.97 -0.11 4.79
N PRO A 30 -7.96 0.54 5.43
CA PRO A 30 -8.55 1.78 4.90
C PRO A 30 -7.59 2.96 4.98
N CYS A 31 -6.88 3.21 3.89
CA CYS A 31 -5.92 4.31 3.82
C CYS A 31 -6.63 5.66 3.98
N PRO A 32 -5.86 6.68 4.39
CA PRO A 32 -6.40 8.03 4.59
C PRO A 32 -6.77 8.71 3.29
N GLY A 33 -8.06 9.02 3.14
CA GLY A 33 -8.54 9.68 1.94
C GLY A 33 -8.32 8.83 0.70
N TYR A 34 -8.24 9.47 -0.46
CA TYR A 34 -8.04 8.77 -1.72
C TYR A 34 -6.60 8.29 -1.85
N LEU A 35 -6.27 7.23 -1.12
CA LEU A 35 -4.92 6.67 -1.15
C LEU A 35 -4.95 5.19 -1.47
N LYS A 36 -3.94 4.71 -2.18
CA LYS A 36 -3.84 3.30 -2.55
C LYS A 36 -2.77 2.59 -1.74
N CYS A 37 -3.09 1.40 -1.26
CA CYS A 37 -2.14 0.62 -0.47
C CYS A 37 -1.21 -0.19 -1.37
N CYS A 38 0.06 -0.25 -0.99
CA CYS A 38 1.05 -0.99 -1.77
C CYS A 38 1.58 -2.19 -0.98
N CYS A 39 1.53 -3.37 -1.59
CA CYS A 39 2.01 -4.57 -0.93
C CYS A 39 3.48 -4.82 -1.25
N TYR A 40 4.29 -5.00 -0.20
CA TYR A 40 5.72 -5.23 -0.38
C TYR A 40 5.98 -6.69 -0.74
N PRO A 41 7.16 -6.94 -1.34
CA PRO A 41 7.57 -8.30 -1.74
C PRO A 41 7.87 -9.19 -0.54
N PCA A 1 -1.08 -16.96 8.77
CA PCA A 1 -0.66 -15.57 8.76
CB PCA A 1 0.79 -15.71 8.30
CG PCA A 1 1.19 -17.02 9.05
CD PCA A 1 -0.12 -17.80 8.93
OE PCA A 1 -0.21 -19.00 8.97
C PCA A 1 -1.64 -14.81 7.89
O PCA A 1 -2.61 -15.33 7.33
H PCA A 1 -2.02 -17.18 8.66
HA PCA A 1 -0.69 -15.13 9.73
HB2 PCA A 1 0.89 -15.86 7.23
HB3 PCA A 1 1.40 -14.87 8.61
HG2 PCA A 1 1.99 -17.54 8.57
HG3 PCA A 1 1.40 -16.83 10.09
N SER A 2 -1.35 -13.52 7.77
CA SER A 2 -2.17 -12.62 6.97
C SER A 2 -1.37 -11.40 6.52
N GLU A 3 -1.76 -10.83 5.38
CA GLU A 3 -1.08 -9.65 4.86
C GLU A 3 -1.91 -8.39 5.08
N PHE A 4 -1.32 -7.43 5.80
CA PHE A 4 -1.99 -6.18 6.09
C PHE A 4 -1.14 -4.99 5.69
N CYS A 5 -1.78 -3.89 5.33
CA CYS A 5 -1.07 -2.67 4.93
C CYS A 5 -0.88 -1.73 6.12
N GLY A 6 0.37 -1.58 6.54
CA GLY A 6 0.68 -0.71 7.66
C GLY A 6 1.91 0.13 7.43
N HIS A 7 3.07 -0.42 7.79
CA HIS A 7 4.34 0.29 7.62
C HIS A 7 5.39 -0.63 7.00
N ASP A 8 5.64 -1.76 7.66
CA ASP A 8 6.62 -2.72 7.18
C ASP A 8 6.03 -3.60 6.08
N VAL A 9 4.99 -4.35 6.41
CA VAL A 9 4.33 -5.23 5.45
C VAL A 9 3.95 -4.47 4.18
N GLY A 10 3.50 -3.23 4.37
CA GLY A 10 3.10 -2.42 3.23
C GLY A 10 3.13 -0.93 3.54
N GLU A 11 2.89 -0.11 2.52
CA GLU A 11 2.90 1.34 2.69
C GLU A 11 1.75 1.97 1.92
N CYS A 12 1.34 3.16 2.37
CA CYS A 12 0.24 3.88 1.73
C CYS A 12 0.77 5.09 0.95
N VAL A 13 0.22 5.32 -0.23
CA VAL A 13 0.63 6.44 -1.07
C VAL A 13 -0.52 6.93 -1.94
N PRO A 14 -0.42 8.18 -2.41
CA PRO A 14 -1.44 8.79 -3.27
C PRO A 14 -1.48 8.17 -4.65
N PRO A 15 -2.61 8.32 -5.35
CA PRO A 15 -2.80 7.79 -6.70
C PRO A 15 -1.96 8.52 -7.73
N LYS A 16 -1.73 9.81 -7.50
CA LYS A 16 -0.95 10.62 -8.41
C LYS A 16 0.48 10.10 -8.52
N LEU A 17 0.98 9.52 -7.43
CA LEU A 17 2.33 8.98 -7.41
C LEU A 17 2.32 7.48 -7.71
N VAL A 18 3.41 6.99 -8.27
CA VAL A 18 3.54 5.57 -8.61
C VAL A 18 4.56 4.88 -7.72
N CYS A 19 4.20 3.69 -7.24
CA CYS A 19 5.09 2.92 -6.38
C CYS A 19 6.45 2.71 -7.04
N ARG A 20 7.48 3.34 -6.48
CA ARG A 20 8.83 3.22 -7.02
C ARG A 20 9.29 1.75 -7.01
N PRO A 21 9.34 1.17 -5.81
CA PRO A 21 9.77 -0.22 -5.63
C PRO A 21 8.75 -1.21 -6.18
N PRO A 22 9.18 -2.47 -6.36
CA PRO A 22 8.32 -3.54 -6.88
C PRO A 22 7.24 -3.95 -5.89
N THR A 23 6.30 -3.04 -5.64
CA THR A 23 5.20 -3.30 -4.72
C THR A 23 3.89 -3.54 -5.46
N HIS A 24 3.19 -4.60 -5.10
CA HIS A 24 1.93 -4.93 -5.73
C HIS A 24 0.78 -4.12 -5.13
N GLU A 25 0.11 -3.34 -5.97
CA GLU A 25 -1.00 -2.51 -5.51
C GLU A 25 -2.08 -3.37 -4.84
N CYS A 26 -2.12 -3.31 -3.52
CA CYS A 26 -3.10 -4.09 -2.76
C CYS A 26 -3.82 -3.20 -1.74
N LEU A 27 -5.07 -3.52 -1.45
CA LEU A 27 -5.87 -2.75 -0.51
C LEU A 27 -6.30 -3.63 0.67
N HIS A 28 -5.90 -3.24 1.87
CA HIS A 28 -6.24 -3.98 3.08
C HIS A 28 -6.59 -3.03 4.22
N PHE A 29 -5.74 -2.03 4.43
CA PHE A 29 -5.97 -1.05 5.50
C PHE A 29 -6.70 0.17 4.96
N PRO A 30 -7.74 0.61 5.71
CA PRO A 30 -8.54 1.77 5.33
C PRO A 30 -7.76 3.09 5.45
N CYS A 31 -7.22 3.54 4.33
CA CYS A 31 -6.45 4.78 4.30
C CYS A 31 -7.37 5.98 4.10
N PRO A 32 -6.86 7.17 4.44
CA PRO A 32 -7.62 8.43 4.30
C PRO A 32 -7.82 8.82 2.84
N GLY A 33 -9.00 9.32 2.52
CA GLY A 33 -9.29 9.73 1.16
C GLY A 33 -9.27 8.57 0.19
N TYR A 34 -8.64 8.78 -0.96
CA TYR A 34 -8.55 7.75 -1.99
C TYR A 34 -7.11 7.25 -2.12
N LEU A 35 -6.42 7.15 -0.99
CA LEU A 35 -5.03 6.68 -0.98
C LEU A 35 -4.95 5.21 -1.40
N LYS A 36 -3.84 4.85 -2.03
CA LYS A 36 -3.63 3.48 -2.48
C LYS A 36 -2.52 2.80 -1.68
N CYS A 37 -2.75 1.55 -1.30
CA CYS A 37 -1.76 0.79 -0.53
C CYS A 37 -0.92 -0.10 -1.45
N CYS A 38 0.34 -0.26 -1.11
CA CYS A 38 1.25 -1.08 -1.90
C CYS A 38 1.84 -2.22 -1.06
N CYS A 39 1.75 -3.44 -1.59
CA CYS A 39 2.26 -4.60 -0.89
C CYS A 39 3.76 -4.78 -1.16
N TYR A 40 4.53 -4.85 -0.07
CA TYR A 40 5.98 -5.02 -0.19
C TYR A 40 6.34 -6.47 -0.46
N PRO A 41 7.56 -6.69 -0.98
CA PRO A 41 8.05 -8.03 -1.31
C PRO A 41 8.34 -8.86 -0.05
N PCA A 1 -3.63 -14.30 2.02
CA PCA A 1 -2.64 -13.56 2.79
CB PCA A 1 -1.82 -12.91 1.68
CG PCA A 1 -1.80 -14.07 0.66
CD PCA A 1 -3.21 -14.61 0.84
OE PCA A 1 -3.84 -15.23 -0.01
C PCA A 1 -3.43 -12.67 3.75
O PCA A 1 -4.21 -11.79 3.37
H PCA A 1 -4.50 -14.52 2.40
HA PCA A 1 -2.03 -14.19 3.38
HB2 PCA A 1 -2.30 -12.04 1.25
HB3 PCA A 1 -0.83 -12.66 2.01
HG2 PCA A 1 -1.65 -13.73 -0.36
HG3 PCA A 1 -1.08 -14.83 0.92
N SER A 2 -3.20 -12.94 5.03
CA SER A 2 -3.86 -12.18 6.09
C SER A 2 -2.94 -11.11 6.65
N GLU A 3 -2.17 -10.47 5.76
CA GLU A 3 -1.25 -9.42 6.17
C GLU A 3 -2.00 -8.12 6.45
N PHE A 4 -1.27 -7.13 6.96
CA PHE A 4 -1.86 -5.83 7.28
C PHE A 4 -0.99 -4.70 6.76
N CYS A 5 -1.63 -3.69 6.18
CA CYS A 5 -0.92 -2.54 5.64
C CYS A 5 -0.60 -1.53 6.73
N GLY A 6 0.66 -1.14 6.83
CA GLY A 6 1.06 -0.17 7.84
C GLY A 6 2.30 0.60 7.44
N HIS A 7 3.47 0.10 7.82
CA HIS A 7 4.73 0.76 7.49
C HIS A 7 5.69 -0.21 6.80
N ASP A 8 6.16 -1.20 7.56
CA ASP A 8 7.08 -2.20 7.01
C ASP A 8 6.36 -3.14 6.07
N VAL A 9 5.30 -3.77 6.56
CA VAL A 9 4.52 -4.71 5.74
C VAL A 9 4.08 -4.07 4.44
N GLY A 10 3.67 -2.81 4.51
CA GLY A 10 3.22 -2.09 3.33
C GLY A 10 3.17 -0.59 3.53
N GLU A 11 3.32 0.16 2.44
CA GLU A 11 3.30 1.62 2.52
C GLU A 11 2.11 2.18 1.72
N CYS A 12 1.53 3.26 2.22
CA CYS A 12 0.40 3.89 1.55
C CYS A 12 0.86 5.08 0.71
N VAL A 13 0.23 5.25 -0.45
CA VAL A 13 0.57 6.34 -1.36
C VAL A 13 -0.63 6.79 -2.17
N PRO A 14 -0.57 8.01 -2.71
CA PRO A 14 -1.65 8.57 -3.52
C PRO A 14 -1.79 7.88 -4.87
N PRO A 15 -2.99 7.97 -5.47
CA PRO A 15 -3.28 7.36 -6.77
C PRO A 15 -2.55 8.06 -7.90
N LYS A 16 -2.32 9.36 -7.76
CA LYS A 16 -1.64 10.14 -8.77
C LYS A 16 -0.22 9.63 -8.98
N LEU A 17 0.39 9.11 -7.93
CA LEU A 17 1.75 8.59 -8.00
C LEU A 17 1.74 7.06 -8.06
N VAL A 18 2.79 6.50 -8.64
CA VAL A 18 2.91 5.05 -8.76
C VAL A 18 3.91 4.49 -7.77
N CYS A 19 3.68 3.25 -7.33
CA CYS A 19 4.57 2.61 -6.38
C CYS A 19 6.01 2.57 -6.90
N ARG A 20 6.87 3.38 -6.30
CA ARG A 20 8.27 3.45 -6.71
C ARG A 20 8.89 2.05 -6.76
N PRO A 21 8.88 1.37 -5.60
CA PRO A 21 9.44 0.01 -5.49
C PRO A 21 8.60 -1.03 -6.23
N PRO A 22 9.13 -2.26 -6.33
CA PRO A 22 8.44 -3.35 -7.01
C PRO A 22 7.22 -3.84 -6.24
N THR A 23 6.95 -3.21 -5.10
CA THR A 23 5.80 -3.58 -4.28
C THR A 23 4.55 -3.72 -5.12
N HIS A 24 3.66 -4.63 -4.71
CA HIS A 24 2.42 -4.87 -5.42
C HIS A 24 1.26 -4.09 -4.79
N GLU A 25 0.30 -3.70 -5.61
CA GLU A 25 -0.86 -2.95 -5.12
C GLU A 25 -1.72 -3.81 -4.21
N CYS A 26 -1.56 -3.62 -2.90
CA CYS A 26 -2.32 -4.39 -1.92
C CYS A 26 -2.97 -3.46 -0.89
N LEU A 27 -4.29 -3.37 -0.93
CA LEU A 27 -5.03 -2.52 0.00
C LEU A 27 -5.69 -3.36 1.09
N HIS A 28 -5.21 -3.20 2.32
CA HIS A 28 -5.75 -3.94 3.45
C HIS A 28 -6.37 -3.00 4.47
N PHE A 29 -5.52 -2.25 5.19
CA PHE A 29 -5.99 -1.30 6.18
C PHE A 29 -6.65 -0.10 5.53
N PRO A 30 -7.64 0.49 6.23
CA PRO A 30 -8.37 1.66 5.73
C PRO A 30 -7.51 2.91 5.71
N CYS A 31 -7.06 3.29 4.52
CA CYS A 31 -6.23 4.48 4.36
C CYS A 31 -7.08 5.73 4.17
N PRO A 32 -6.48 6.90 4.41
CA PRO A 32 -7.17 8.19 4.27
C PRO A 32 -7.49 8.53 2.82
N GLY A 33 -8.76 8.80 2.54
CA GLY A 33 -9.17 9.14 1.19
C GLY A 33 -8.90 8.02 0.21
N TYR A 34 -8.92 8.34 -1.08
CA TYR A 34 -8.69 7.35 -2.12
C TYR A 34 -7.20 7.03 -2.25
N LEU A 35 -6.62 6.55 -1.15
CA LEU A 35 -5.19 6.20 -1.14
C LEU A 35 -4.99 4.74 -1.51
N LYS A 36 -3.81 4.43 -2.05
CA LYS A 36 -3.48 3.06 -2.45
C LYS A 36 -2.29 2.53 -1.65
N CYS A 37 -2.42 1.31 -1.15
CA CYS A 37 -1.36 0.69 -0.37
C CYS A 37 -0.59 -0.33 -1.21
N CYS A 38 0.72 -0.40 -1.00
CA CYS A 38 1.56 -1.33 -1.74
C CYS A 38 2.27 -2.28 -0.78
N CYS A 39 1.99 -3.57 -0.92
CA CYS A 39 2.60 -4.59 -0.07
C CYS A 39 4.02 -4.89 -0.52
N TYR A 40 4.95 -4.93 0.43
CA TYR A 40 6.35 -5.20 0.12
C TYR A 40 6.57 -6.69 -0.11
N PRO A 41 7.67 -7.02 -0.81
CA PRO A 41 8.03 -8.41 -1.12
C PRO A 41 8.46 -9.18 0.12
N PCA A 1 -2.87 -15.64 4.00
CA PCA A 1 -1.66 -14.86 4.26
CB PCA A 1 -1.06 -14.76 2.85
CG PCA A 1 -1.40 -16.17 2.33
CD PCA A 1 -2.78 -16.38 2.94
OE PCA A 1 -3.64 -17.11 2.50
C PCA A 1 -2.10 -13.59 4.98
O PCA A 1 -2.71 -12.67 4.41
H PCA A 1 -3.64 -15.55 4.58
HA PCA A 1 -0.98 -15.37 4.91
HB2 PCA A 1 -1.54 -14.00 2.25
HB3 PCA A 1 0.00 -14.59 2.89
HG2 PCA A 1 -1.46 -16.21 1.25
HG3 PCA A 1 -0.72 -16.92 2.69
N SER A 2 -1.76 -13.56 6.26
CA SER A 2 -2.11 -12.43 7.11
C SER A 2 -1.20 -11.23 6.80
N GLU A 3 -1.72 -10.31 5.99
CA GLU A 3 -0.97 -9.11 5.63
C GLU A 3 -1.76 -7.85 5.92
N PHE A 4 -1.09 -6.85 6.49
CA PHE A 4 -1.74 -5.59 6.83
C PHE A 4 -0.93 -4.41 6.29
N CYS A 5 -1.63 -3.32 5.99
CA CYS A 5 -0.99 -2.12 5.47
C CYS A 5 -0.54 -1.20 6.60
N GLY A 6 0.77 -1.16 6.84
CA GLY A 6 1.30 -0.33 7.89
C GLY A 6 2.52 0.46 7.45
N HIS A 7 3.71 -0.12 7.64
CA HIS A 7 4.94 0.54 7.26
C HIS A 7 5.92 -0.45 6.66
N ASP A 8 6.03 -1.62 7.29
CA ASP A 8 6.93 -2.67 6.80
C ASP A 8 6.23 -3.58 5.81
N VAL A 9 5.13 -4.19 6.24
CA VAL A 9 4.36 -5.09 5.38
C VAL A 9 3.79 -4.34 4.18
N GLY A 10 3.41 -3.09 4.39
CA GLY A 10 2.86 -2.29 3.31
C GLY A 10 2.83 -0.82 3.64
N GLU A 11 2.99 0.02 2.62
CA GLU A 11 2.99 1.47 2.81
C GLU A 11 1.85 2.12 2.01
N CYS A 12 1.20 3.10 2.61
CA CYS A 12 0.10 3.80 1.96
C CYS A 12 0.62 5.01 1.18
N VAL A 13 0.11 5.19 -0.04
CA VAL A 13 0.51 6.31 -0.89
C VAL A 13 -0.63 6.74 -1.81
N PRO A 14 -0.55 7.97 -2.31
CA PRO A 14 -1.55 8.53 -3.21
C PRO A 14 -1.55 7.86 -4.58
N PRO A 15 -2.67 7.99 -5.31
CA PRO A 15 -2.82 7.40 -6.65
C PRO A 15 -1.94 8.11 -7.69
N LYS A 16 -1.68 9.40 -7.47
CA LYS A 16 -0.87 10.18 -8.38
C LYS A 16 0.57 9.64 -8.42
N LEU A 17 1.02 9.11 -7.30
CA LEU A 17 2.36 8.56 -7.20
C LEU A 17 2.34 7.04 -7.21
N VAL A 18 2.76 6.46 -8.33
CA VAL A 18 2.80 5.01 -8.47
C VAL A 18 3.84 4.39 -7.56
N CYS A 19 3.58 3.16 -7.11
CA CYS A 19 4.50 2.45 -6.23
C CYS A 19 5.91 2.42 -6.82
N ARG A 20 6.81 3.19 -6.23
CA ARG A 20 8.19 3.25 -6.70
C ARG A 20 8.77 1.85 -6.85
N PRO A 21 8.80 1.09 -5.74
CA PRO A 21 9.32 -0.28 -5.73
C PRO A 21 8.44 -1.25 -6.49
N PRO A 22 8.92 -2.48 -6.69
CA PRO A 22 8.19 -3.53 -7.40
C PRO A 22 6.98 -4.03 -6.61
N THR A 23 6.78 -3.45 -5.43
CA THR A 23 5.66 -3.84 -4.56
C THR A 23 4.36 -3.89 -5.36
N HIS A 24 3.35 -4.55 -4.79
CA HIS A 24 2.05 -4.69 -5.45
C HIS A 24 1.06 -3.68 -4.88
N GLU A 25 0.35 -2.99 -5.77
CA GLU A 25 -0.64 -2.00 -5.36
C GLU A 25 -1.90 -2.67 -4.81
N CYS A 26 -1.85 -3.04 -3.54
CA CYS A 26 -2.99 -3.70 -2.90
C CYS A 26 -3.29 -3.07 -1.54
N LEU A 27 -4.52 -2.57 -1.39
CA LEU A 27 -4.93 -1.94 -0.14
C LEU A 27 -5.34 -2.98 0.89
N HIS A 28 -4.99 -2.75 2.15
CA HIS A 28 -5.32 -3.67 3.22
C HIS A 28 -6.10 -2.95 4.33
N PHE A 29 -5.55 -1.83 4.80
CA PHE A 29 -6.20 -1.05 5.86
C PHE A 29 -6.94 0.13 5.27
N PRO A 30 -7.96 0.62 6.01
CA PRO A 30 -8.77 1.76 5.58
C PRO A 30 -7.99 3.07 5.61
N CYS A 31 -7.44 3.44 4.46
CA CYS A 31 -6.66 4.68 4.35
C CYS A 31 -7.57 5.86 4.02
N PRO A 32 -7.08 7.07 4.27
CA PRO A 32 -7.83 8.31 4.01
C PRO A 32 -7.98 8.58 2.52
N GLY A 33 -9.20 8.91 2.10
CA GLY A 33 -9.47 9.19 0.70
C GLY A 33 -9.14 8.01 -0.19
N TYR A 34 -9.08 8.26 -1.50
CA TYR A 34 -8.78 7.21 -2.46
C TYR A 34 -7.28 6.91 -2.49
N LEU A 35 -6.74 6.51 -1.35
CA LEU A 35 -5.33 6.19 -1.24
C LEU A 35 -5.06 4.75 -1.61
N LYS A 36 -3.84 4.46 -2.07
CA LYS A 36 -3.46 3.12 -2.47
C LYS A 36 -2.25 2.64 -1.66
N CYS A 37 -2.33 1.42 -1.15
CA CYS A 37 -1.25 0.84 -0.36
C CYS A 37 -0.46 -0.17 -1.19
N CYS A 38 0.86 -0.14 -1.04
CA CYS A 38 1.72 -1.06 -1.76
C CYS A 38 2.27 -2.15 -0.84
N CYS A 39 1.85 -3.39 -1.09
CA CYS A 39 2.29 -4.52 -0.29
C CYS A 39 3.74 -4.88 -0.60
N TYR A 40 4.54 -5.03 0.45
CA TYR A 40 5.95 -5.37 0.29
C TYR A 40 6.13 -6.87 0.08
N PRO A 41 7.28 -7.26 -0.51
CA PRO A 41 7.59 -8.67 -0.77
C PRO A 41 7.86 -9.45 0.51
#